data_3LAY
#
_entry.id   3LAY
#
_cell.length_a   100.795
_cell.length_b   148.910
_cell.length_c   74.536
_cell.angle_alpha   90.00
_cell.angle_beta   90.00
_cell.angle_gamma   90.00
#
_symmetry.space_group_name_H-M   'P 21 21 2'
#
loop_
_entity.id
_entity.type
_entity.pdbx_description
1 polymer 'Zinc resistance-associated protein'
2 water water
#
_entity_poly.entity_id   1
_entity_poly.type   'polypeptide(L)'
_entity_poly.pdbx_seq_one_letter_code
;MHHHHHHSSGVDLGTENLYFQSNAMKRNNKSAIALIALSLLALSSGAAFAGHHWGNNDGMWQQGGSPLTTEQQATAQKIY
DDYYTQTSALRQQLISKRYEYNALLTASSPDTAKINAVAKEMESLGQKLDEQRVKRDVAMAQAGIPRGAGMGYGGCGGYG
GGYHRGGGHMGMGNW
;
_entity_poly.pdbx_strand_id   A,B,C,D,E,F,G,H,I,J
#
# COMPACT_ATOMS: atom_id res chain seq x y z
N LEU A 68 8.41 25.40 -16.13
CA LEU A 68 9.63 24.67 -16.62
C LEU A 68 10.79 25.60 -16.96
N THR A 69 10.47 26.72 -17.60
CA THR A 69 11.49 27.71 -17.98
C THR A 69 12.32 28.28 -16.78
N THR A 70 13.48 28.83 -17.12
CA THR A 70 14.44 29.41 -16.14
C THR A 70 13.89 30.57 -15.33
N GLU A 71 13.53 31.68 -15.99
CA GLU A 71 12.98 32.84 -15.28
C GLU A 71 11.73 32.48 -14.45
N GLN A 72 11.05 31.39 -14.82
CA GLN A 72 9.89 30.92 -14.06
C GLN A 72 10.32 30.19 -12.78
N GLN A 73 11.31 29.32 -12.91
CA GLN A 73 11.82 28.57 -11.76
C GLN A 73 12.34 29.50 -10.71
N ALA A 74 13.04 30.53 -11.19
CA ALA A 74 13.59 31.58 -10.34
C ALA A 74 12.45 32.21 -9.55
N THR A 75 11.36 32.54 -10.25
CA THR A 75 10.20 33.16 -9.63
C THR A 75 9.37 32.15 -8.77
N ALA A 76 9.36 30.86 -9.15
CA ALA A 76 8.62 29.84 -8.37
C ALA A 76 9.32 29.55 -7.03
N GLN A 77 10.65 29.66 -7.02
CA GLN A 77 11.41 29.45 -5.79
C GLN A 77 11.19 30.67 -4.90
N LYS A 78 11.55 31.86 -5.40
CA LYS A 78 11.39 33.11 -4.62
C LYS A 78 9.94 33.30 -4.06
N ILE A 79 8.96 32.82 -4.82
CA ILE A 79 7.57 32.86 -4.44
C ILE A 79 7.35 31.93 -3.21
N TYR A 80 7.80 30.67 -3.30
CA TYR A 80 7.63 29.69 -2.22
C TYR A 80 8.52 29.88 -1.00
N ASP A 81 9.79 30.18 -1.25
CA ASP A 81 10.74 30.45 -0.19
C ASP A 81 10.19 31.58 0.67
N ASP A 82 9.74 32.66 0.03
CA ASP A 82 9.19 33.82 0.75
C ASP A 82 8.05 33.36 1.65
N TYR A 83 7.13 32.63 1.04
CA TYR A 83 5.98 32.07 1.74
C TYR A 83 6.36 31.24 2.96
N TYR A 84 7.33 30.34 2.83
CA TYR A 84 7.69 29.53 3.97
C TYR A 84 8.36 30.38 5.08
N THR A 85 9.00 31.47 4.72
CA THR A 85 9.63 32.34 5.72
C THR A 85 8.61 33.19 6.40
N GLN A 86 7.68 33.69 5.61
CA GLN A 86 6.61 34.54 6.07
C GLN A 86 5.57 33.74 6.83
N THR A 87 5.72 32.43 6.76
CA THR A 87 4.73 31.48 7.21
C THR A 87 5.12 30.60 8.40
N SER A 88 6.41 30.40 8.63
CA SER A 88 6.87 29.49 9.65
C SER A 88 6.45 29.81 11.11
N ALA A 89 6.43 31.06 11.53
CA ALA A 89 6.02 31.26 12.91
C ALA A 89 4.53 30.91 13.04
N LEU A 90 3.74 31.36 12.07
CA LEU A 90 2.33 31.08 12.12
C LEU A 90 2.01 29.60 12.14
N ARG A 91 2.73 28.78 11.38
CA ARG A 91 2.47 27.33 11.35
C ARG A 91 2.87 26.70 12.67
N GLN A 92 3.99 27.15 13.23
CA GLN A 92 4.42 26.63 14.51
C GLN A 92 3.40 27.00 15.61
N GLN A 93 2.89 28.23 15.63
CA GLN A 93 1.93 28.57 16.67
C GLN A 93 0.66 27.74 16.44
N LEU A 94 0.24 27.59 15.20
CA LEU A 94 -1.00 26.87 14.92
C LEU A 94 -0.94 25.39 15.31
N ILE A 95 0.21 24.76 15.03
CA ILE A 95 0.47 23.37 15.42
C ILE A 95 0.39 23.30 16.93
N SER A 96 1.12 24.20 17.58
CA SER A 96 1.10 24.22 19.04
C SER A 96 -0.33 24.28 19.59
N LYS A 97 -1.14 25.17 19.07
CA LYS A 97 -2.49 25.26 19.57
C LYS A 97 -3.33 24.03 19.17
N ARG A 98 -3.00 23.36 18.05
CA ARG A 98 -3.80 22.19 17.70
C ARG A 98 -3.57 21.16 18.82
N TYR A 99 -2.38 21.14 19.38
CA TYR A 99 -2.12 20.22 20.45
C TYR A 99 -2.83 20.62 21.72
N GLU A 100 -2.78 21.89 22.03
CA GLU A 100 -3.39 22.39 23.24
C GLU A 100 -4.86 22.04 23.21
N TYR A 101 -5.47 22.23 22.05
CA TYR A 101 -6.92 22.01 21.83
C TYR A 101 -7.24 20.55 22.05
N ASN A 102 -6.37 19.68 21.58
CA ASN A 102 -6.57 18.29 21.83
C ASN A 102 -6.30 17.91 23.28
N ALA A 103 -5.30 18.53 23.91
CA ALA A 103 -5.03 18.26 25.31
C ALA A 103 -6.29 18.57 26.13
N LEU A 104 -6.97 19.67 25.79
CA LEU A 104 -8.15 20.10 26.53
C LEU A 104 -9.36 19.19 26.27
N LEU A 105 -9.57 18.85 25.00
CA LEU A 105 -10.66 17.94 24.62
C LEU A 105 -10.52 16.57 25.28
N THR A 106 -9.32 16.24 25.74
CA THR A 106 -9.10 14.93 26.37
C THR A 106 -8.91 15.05 27.88
N ALA A 107 -9.16 16.24 28.42
CA ALA A 107 -9.07 16.42 29.87
C ALA A 107 -10.18 15.61 30.58
N SER A 108 -9.87 15.15 31.77
CA SER A 108 -10.80 14.32 32.54
C SER A 108 -12.19 14.97 32.53
N SER A 109 -12.24 16.24 32.87
CA SER A 109 -13.51 16.97 32.76
C SER A 109 -13.35 18.19 31.76
N PRO A 110 -13.97 18.09 30.57
CA PRO A 110 -13.88 19.12 29.56
C PRO A 110 -14.25 20.50 30.06
N ASP A 111 -13.53 21.52 29.58
CA ASP A 111 -13.71 22.94 29.96
C ASP A 111 -13.97 23.74 28.69
N THR A 112 -15.24 23.91 28.36
CA THR A 112 -15.61 24.57 27.10
C THR A 112 -15.08 25.98 26.90
N ALA A 113 -14.83 26.70 27.97
CA ALA A 113 -14.35 28.08 27.82
C ALA A 113 -12.96 28.13 27.21
N LYS A 114 -12.04 27.37 27.77
CA LYS A 114 -10.69 27.37 27.28
C LYS A 114 -10.70 26.68 25.92
N ILE A 115 -11.52 25.63 25.78
CA ILE A 115 -11.63 24.93 24.50
C ILE A 115 -12.13 25.89 23.47
N ASN A 116 -13.25 26.53 23.73
CA ASN A 116 -13.76 27.55 22.79
C ASN A 116 -12.74 28.65 22.52
N ALA A 117 -12.00 29.07 23.55
CA ALA A 117 -10.99 30.13 23.43
C ALA A 117 -9.89 29.71 22.50
N VAL A 118 -9.30 28.55 22.77
CA VAL A 118 -8.23 28.04 21.95
C VAL A 118 -8.72 27.93 20.56
N ALA A 119 -9.96 27.48 20.38
CA ALA A 119 -10.51 27.33 19.03
C ALA A 119 -10.45 28.69 18.32
N LYS A 120 -10.85 29.77 18.98
CA LYS A 120 -10.72 31.09 18.40
C LYS A 120 -9.27 31.42 18.01
N GLU A 121 -8.30 31.17 18.91
CA GLU A 121 -6.87 31.41 18.59
C GLU A 121 -6.49 30.69 17.27
N MET A 122 -6.99 29.47 17.10
CA MET A 122 -6.71 28.73 15.88
C MET A 122 -7.31 29.39 14.60
N GLU A 123 -8.57 29.81 14.66
CA GLU A 123 -9.21 30.46 13.50
C GLU A 123 -8.43 31.66 13.02
N SER A 124 -8.05 32.46 13.99
CA SER A 124 -7.33 33.63 13.71
C SER A 124 -6.01 33.27 13.04
N LEU A 125 -5.28 32.33 13.63
CA LEU A 125 -4.00 31.95 13.08
C LEU A 125 -4.18 31.42 11.67
N GLY A 126 -5.29 30.75 11.43
CA GLY A 126 -5.60 30.13 10.14
C GLY A 126 -6.03 31.13 9.12
N GLN A 127 -6.74 32.15 9.55
CA GLN A 127 -7.10 33.17 8.63
C GLN A 127 -5.78 33.80 8.22
N LYS A 128 -4.94 34.17 9.17
CA LYS A 128 -3.68 34.81 8.81
C LYS A 128 -2.84 33.88 7.92
N LEU A 129 -3.04 32.59 8.05
CA LEU A 129 -2.25 31.66 7.29
C LEU A 129 -2.78 31.49 5.89
N ASP A 130 -4.10 31.49 5.72
CA ASP A 130 -4.72 31.40 4.37
C ASP A 130 -4.52 32.69 3.59
N GLU A 131 -4.41 33.79 4.30
CA GLU A 131 -4.22 35.08 3.68
C GLU A 131 -2.92 35.02 2.88
N GLN A 132 -1.92 34.33 3.43
CA GLN A 132 -0.64 34.14 2.74
C GLN A 132 -0.78 33.10 1.62
N ARG A 133 -1.52 32.05 1.91
CA ARG A 133 -1.79 30.99 0.96
C ARG A 133 -2.31 31.64 -0.33
N VAL A 134 -3.27 32.54 -0.19
CA VAL A 134 -3.82 33.21 -1.35
C VAL A 134 -2.74 34.02 -2.07
N LYS A 135 -2.03 34.82 -1.31
CA LYS A 135 -0.95 35.60 -1.85
C LYS A 135 0.02 34.76 -2.72
N ARG A 136 0.47 33.60 -2.25
CA ARG A 136 1.39 32.78 -3.03
C ARG A 136 0.76 32.25 -4.31
N ASP A 137 -0.49 31.81 -4.19
CA ASP A 137 -1.24 31.24 -5.30
C ASP A 137 -1.39 32.29 -6.36
N VAL A 138 -1.67 33.54 -5.96
CA VAL A 138 -1.83 34.65 -6.92
C VAL A 138 -0.49 34.98 -7.62
N ALA A 139 0.56 35.20 -6.84
CA ALA A 139 1.84 35.47 -7.42
C ALA A 139 2.11 34.41 -8.48
N MET A 140 1.99 33.16 -8.07
CA MET A 140 2.23 31.99 -8.91
C MET A 140 1.44 32.05 -10.22
N ALA A 141 0.21 32.55 -10.17
CA ALA A 141 -0.61 32.62 -11.38
C ALA A 141 -0.19 33.81 -12.23
N GLN A 142 0.17 34.93 -11.61
CA GLN A 142 0.62 36.10 -12.34
C GLN A 142 1.91 35.77 -13.08
N ALA A 143 2.69 34.84 -12.52
CA ALA A 143 3.94 34.44 -13.15
C ALA A 143 3.71 33.45 -14.28
N GLY A 144 2.48 33.00 -14.47
CA GLY A 144 2.14 32.08 -15.54
C GLY A 144 2.61 30.66 -15.33
N ILE A 145 2.60 30.22 -14.09
CA ILE A 145 3.02 28.89 -13.76
C ILE A 145 1.77 28.03 -13.47
N PRO A 146 1.88 26.70 -13.63
CA PRO A 146 0.78 25.77 -13.26
C PRO A 146 0.85 25.35 -11.77
N LEU B 68 -14.97 2.72 20.65
CA LEU B 68 -14.60 1.34 21.10
C LEU B 68 -15.85 0.54 21.61
N THR B 69 -16.47 0.99 22.70
CA THR B 69 -17.68 0.29 23.20
C THR B 69 -18.81 0.42 22.20
N THR B 70 -19.66 -0.58 22.09
CA THR B 70 -20.77 -0.52 21.14
C THR B 70 -21.66 0.74 21.37
N GLU B 71 -21.95 1.03 22.63
CA GLU B 71 -22.78 2.18 22.98
C GLU B 71 -22.04 3.51 22.73
N GLN B 72 -20.72 3.49 22.88
CA GLN B 72 -19.93 4.68 22.60
C GLN B 72 -19.88 4.91 21.08
N GLN B 73 -19.83 3.81 20.33
CA GLN B 73 -19.80 3.87 18.86
C GLN B 73 -21.14 4.42 18.36
N ALA B 74 -22.22 3.95 18.96
CA ALA B 74 -23.57 4.39 18.59
C ALA B 74 -23.75 5.87 18.86
N THR B 75 -23.22 6.31 19.99
CA THR B 75 -23.29 7.70 20.40
C THR B 75 -22.44 8.58 19.53
N ALA B 76 -21.28 8.12 19.09
CA ALA B 76 -20.46 8.97 18.25
C ALA B 76 -21.13 9.10 16.91
N GLN B 77 -21.76 8.00 16.47
CA GLN B 77 -22.39 8.01 15.16
C GLN B 77 -23.51 9.02 15.12
N LYS B 78 -24.25 9.14 16.21
CA LYS B 78 -25.31 10.10 16.20
C LYS B 78 -24.72 11.50 16.21
N ILE B 79 -23.66 11.71 16.98
CA ILE B 79 -23.08 13.04 17.03
C ILE B 79 -22.61 13.47 15.63
N TYR B 80 -21.82 12.61 14.98
CA TYR B 80 -21.34 12.89 13.61
C TYR B 80 -22.48 13.02 12.60
N ASP B 81 -23.52 12.20 12.74
CA ASP B 81 -24.64 12.33 11.82
C ASP B 81 -25.27 13.70 11.95
N ASP B 82 -25.53 14.12 13.18
N ASP B 82 -25.52 14.14 13.18
CA ASP B 82 -26.12 15.42 13.41
CA ASP B 82 -26.11 15.47 13.39
C ASP B 82 -25.27 16.52 12.76
C ASP B 82 -25.26 16.51 12.71
N TYR B 83 -23.95 16.41 12.91
CA TYR B 83 -23.02 17.34 12.34
C TYR B 83 -23.07 17.32 10.80
N TYR B 84 -22.98 16.14 10.20
CA TYR B 84 -23.06 16.09 8.74
C TYR B 84 -24.38 16.71 8.20
N THR B 85 -25.48 16.58 8.92
CA THR B 85 -26.76 17.14 8.47
C THR B 85 -26.80 18.66 8.65
N GLN B 86 -26.42 19.12 9.84
CA GLN B 86 -26.39 20.55 10.14
C GLN B 86 -25.45 21.34 9.22
N THR B 87 -24.62 20.65 8.46
CA THR B 87 -23.64 21.32 7.62
C THR B 87 -23.63 20.90 6.16
N SER B 88 -24.60 20.10 5.71
CA SER B 88 -24.58 19.73 4.29
C SER B 88 -24.46 20.96 3.38
N ALA B 89 -25.29 21.97 3.61
CA ALA B 89 -25.28 23.18 2.77
C ALA B 89 -23.92 23.94 2.82
N LEU B 90 -23.34 24.15 4.01
CA LEU B 90 -22.00 24.78 4.04
C LEU B 90 -20.98 23.95 3.30
N ARG B 91 -20.88 22.67 3.63
CA ARG B 91 -19.87 21.84 2.97
C ARG B 91 -20.04 22.03 1.50
N GLN B 92 -21.26 21.84 1.02
CA GLN B 92 -21.50 21.93 -0.41
C GLN B 92 -21.12 23.29 -0.95
N GLN B 93 -21.37 24.33 -0.20
CA GLN B 93 -21.09 25.63 -0.71
C GLN B 93 -19.63 25.89 -0.74
N LEU B 94 -18.95 25.50 0.32
CA LEU B 94 -17.52 25.70 0.42
C LEU B 94 -16.82 24.95 -0.70
N ILE B 95 -17.30 23.76 -1.00
CA ILE B 95 -16.76 22.99 -2.08
C ILE B 95 -16.95 23.74 -3.41
N SER B 96 -18.10 24.40 -3.60
CA SER B 96 -18.34 25.12 -4.84
C SER B 96 -17.36 26.27 -4.92
N LYS B 97 -17.23 27.03 -3.84
CA LYS B 97 -16.27 28.14 -3.83
C LYS B 97 -14.84 27.67 -4.05
N ARG B 98 -14.53 26.45 -3.61
CA ARG B 98 -13.19 25.86 -3.78
C ARG B 98 -12.93 25.67 -5.27
N TYR B 99 -13.91 25.16 -5.95
CA TYR B 99 -13.78 24.91 -7.35
C TYR B 99 -13.67 26.20 -8.15
N GLU B 100 -14.43 27.20 -7.72
CA GLU B 100 -14.45 28.44 -8.39
C GLU B 100 -13.10 29.09 -8.30
N TYR B 101 -12.58 29.11 -7.09
CA TYR B 101 -11.26 29.63 -6.79
C TYR B 101 -10.24 29.07 -7.79
N ASN B 102 -10.20 27.75 -7.96
CA ASN B 102 -9.28 27.16 -8.91
C ASN B 102 -9.64 27.51 -10.36
N ALA B 103 -10.93 27.63 -10.67
CA ALA B 103 -11.29 28.02 -12.02
C ALA B 103 -10.61 29.38 -12.35
N LEU B 104 -10.70 30.31 -11.40
CA LEU B 104 -10.08 31.63 -11.56
C LEU B 104 -8.56 31.53 -11.63
N LEU B 105 -7.91 30.87 -10.68
CA LEU B 105 -6.44 30.78 -10.72
C LEU B 105 -5.90 30.24 -12.04
N THR B 106 -6.63 29.36 -12.69
CA THR B 106 -6.13 28.77 -13.93
C THR B 106 -6.63 29.48 -15.17
N ALA B 107 -7.29 30.63 -15.00
CA ALA B 107 -7.71 31.45 -16.16
C ALA B 107 -6.47 31.89 -16.86
N SER B 108 -6.60 32.16 -18.16
CA SER B 108 -5.48 32.65 -19.01
C SER B 108 -4.96 33.96 -18.44
N SER B 109 -5.90 34.84 -18.14
CA SER B 109 -5.54 36.10 -17.49
C SER B 109 -6.18 36.11 -16.08
N PRO B 110 -5.37 35.79 -15.08
CA PRO B 110 -5.85 35.74 -13.73
C PRO B 110 -6.34 37.09 -13.29
N ASP B 111 -7.53 37.10 -12.70
CA ASP B 111 -8.19 38.32 -12.21
C ASP B 111 -8.04 38.47 -10.68
N THR B 112 -6.96 39.06 -10.25
CA THR B 112 -6.68 39.22 -8.85
C THR B 112 -7.87 39.58 -8.00
N ALA B 113 -8.50 40.70 -8.31
CA ALA B 113 -9.60 41.16 -7.48
C ALA B 113 -10.66 40.08 -7.30
N LYS B 114 -10.99 39.38 -8.37
CA LYS B 114 -12.04 38.36 -8.33
C LYS B 114 -11.65 37.16 -7.49
N ILE B 115 -10.35 36.90 -7.44
CA ILE B 115 -9.80 35.80 -6.67
C ILE B 115 -9.80 36.13 -5.21
N ASN B 116 -9.45 37.36 -4.89
CA ASN B 116 -9.39 37.77 -3.52
C ASN B 116 -10.79 37.74 -2.94
N ALA B 117 -11.78 38.01 -3.79
CA ALA B 117 -13.15 38.04 -3.32
C ALA B 117 -13.64 36.63 -3.05
N VAL B 118 -13.20 35.68 -3.87
CA VAL B 118 -13.58 34.29 -3.67
C VAL B 118 -12.92 33.78 -2.41
N ALA B 119 -11.68 34.19 -2.19
CA ALA B 119 -10.98 33.78 -0.98
C ALA B 119 -11.76 34.20 0.26
N LYS B 120 -12.26 35.44 0.28
CA LYS B 120 -13.05 35.96 1.40
C LYS B 120 -14.34 35.18 1.59
N GLU B 121 -14.99 34.80 0.51
CA GLU B 121 -16.18 33.97 0.64
C GLU B 121 -15.80 32.60 1.29
N MET B 122 -14.71 31.98 0.83
CA MET B 122 -14.23 30.74 1.44
C MET B 122 -13.80 30.95 2.88
N GLU B 123 -13.11 32.03 3.15
CA GLU B 123 -12.68 32.30 4.50
C GLU B 123 -13.90 32.21 5.41
N SER B 124 -14.97 32.91 5.04
CA SER B 124 -16.18 32.92 5.86
C SER B 124 -16.92 31.60 5.96
N LEU B 125 -17.05 30.87 4.88
CA LEU B 125 -17.75 29.65 4.95
C LEU B 125 -16.92 28.79 5.89
N GLY B 126 -15.60 28.94 5.80
CA GLY B 126 -14.71 28.13 6.59
C GLY B 126 -14.86 28.29 8.09
N GLN B 127 -15.12 29.50 8.55
CA GLN B 127 -15.25 29.71 9.98
C GLN B 127 -16.55 29.18 10.45
N LYS B 128 -17.63 29.46 9.74
CA LYS B 128 -18.91 28.93 10.12
C LYS B 128 -18.69 27.43 10.34
N LEU B 129 -17.96 26.81 9.43
CA LEU B 129 -17.77 25.38 9.46
C LEU B 129 -17.05 24.94 10.71
N ASP B 130 -15.98 25.64 11.04
CA ASP B 130 -15.18 25.34 12.19
C ASP B 130 -15.95 25.37 13.48
N GLU B 131 -16.74 26.44 13.68
CA GLU B 131 -17.51 26.55 14.92
C GLU B 131 -18.35 25.31 15.09
N GLN B 132 -18.89 24.81 13.99
CA GLN B 132 -19.70 23.61 14.04
C GLN B 132 -18.86 22.41 14.40
N ARG B 133 -17.59 22.38 13.95
CA ARG B 133 -16.69 21.29 14.32
C ARG B 133 -16.41 21.29 15.81
N VAL B 134 -16.17 22.47 16.36
CA VAL B 134 -15.86 22.56 17.75
C VAL B 134 -17.07 22.01 18.55
N LYS B 135 -18.31 22.41 18.17
CA LYS B 135 -19.54 21.88 18.80
C LYS B 135 -19.46 20.38 18.78
N ARG B 136 -19.10 19.85 17.62
CA ARG B 136 -19.01 18.44 17.48
C ARG B 136 -17.93 17.84 18.41
N ASP B 137 -16.75 18.43 18.40
CA ASP B 137 -15.69 17.88 19.22
C ASP B 137 -16.05 17.91 20.71
N VAL B 138 -16.65 19.01 21.14
CA VAL B 138 -17.01 19.21 22.54
C VAL B 138 -18.11 18.21 22.90
N ALA B 139 -19.05 18.05 21.98
CA ALA B 139 -20.13 17.12 22.22
C ALA B 139 -19.56 15.74 22.38
N MET B 140 -18.55 15.37 21.59
CA MET B 140 -17.91 14.05 21.75
C MET B 140 -17.20 13.96 23.08
N ALA B 141 -16.44 15.00 23.42
CA ALA B 141 -15.73 15.00 24.68
C ALA B 141 -16.73 14.78 25.84
N GLN B 142 -17.90 15.42 25.68
CA GLN B 142 -18.97 15.46 26.67
C GLN B 142 -19.62 14.04 26.87
N ALA B 143 -19.74 13.28 25.78
CA ALA B 143 -20.27 11.93 25.82
C ALA B 143 -19.23 10.99 26.40
N GLY B 144 -18.02 11.50 26.62
CA GLY B 144 -16.94 10.70 27.06
C GLY B 144 -16.43 9.76 25.98
N ILE B 145 -16.67 10.05 24.69
CA ILE B 145 -16.09 9.19 23.63
C ILE B 145 -14.61 9.65 23.42
N PRO B 146 -13.65 8.71 23.49
CA PRO B 146 -12.19 8.95 23.23
C PRO B 146 -11.81 10.08 22.24
N LEU C 68 13.63 2.37 -25.26
CA LEU C 68 14.88 2.18 -24.46
C LEU C 68 16.09 2.83 -25.10
N THR C 69 16.40 2.45 -26.36
CA THR C 69 17.64 2.87 -27.06
C THR C 69 17.87 4.35 -27.14
N THR C 70 19.13 4.72 -27.27
CA THR C 70 19.55 6.13 -27.29
C THR C 70 18.91 7.01 -28.37
N GLU C 71 19.11 6.70 -29.65
CA GLU C 71 18.51 7.52 -30.72
C GLU C 71 17.00 7.53 -30.60
N GLN C 72 16.45 6.52 -29.93
CA GLN C 72 15.01 6.52 -29.65
C GLN C 72 14.64 7.50 -28.52
N GLN C 73 15.43 7.54 -27.45
CA GLN C 73 15.11 8.45 -26.35
C GLN C 73 15.04 9.89 -26.81
N ALA C 74 16.03 10.29 -27.63
CA ALA C 74 16.06 11.67 -28.14
C ALA C 74 14.78 11.93 -28.91
N THR C 75 14.47 11.05 -29.85
CA THR C 75 13.28 11.19 -30.67
C THR C 75 12.03 11.28 -29.82
N ALA C 76 11.89 10.35 -28.86
CA ALA C 76 10.74 10.34 -27.93
C ALA C 76 10.66 11.63 -27.13
N GLN C 77 11.80 12.07 -26.63
CA GLN C 77 11.83 13.28 -25.82
C GLN C 77 11.42 14.50 -26.64
N LYS C 78 11.90 14.57 -27.89
CA LYS C 78 11.58 15.70 -28.80
C LYS C 78 10.10 15.75 -29.12
N ILE C 79 9.52 14.60 -29.50
CA ILE C 79 8.09 14.52 -29.82
C ILE C 79 7.24 14.98 -28.63
N TYR C 80 7.55 14.50 -27.43
CA TYR C 80 6.75 14.84 -26.24
C TYR C 80 6.83 16.32 -25.89
N ASP C 81 7.98 16.92 -26.10
CA ASP C 81 8.16 18.34 -25.78
C ASP C 81 7.36 19.22 -26.72
N ASP C 82 7.28 18.86 -28.00
CA ASP C 82 6.53 19.69 -28.94
C ASP C 82 5.09 19.59 -28.50
N TYR C 83 4.67 18.36 -28.20
CA TYR C 83 3.32 18.14 -27.75
C TYR C 83 2.96 19.03 -26.58
N TYR C 84 3.75 19.00 -25.51
CA TYR C 84 3.48 19.82 -24.32
C TYR C 84 3.53 21.32 -24.56
N THR C 85 4.32 21.77 -25.51
CA THR C 85 4.40 23.21 -25.82
C THR C 85 3.19 23.65 -26.65
N GLN C 86 2.87 22.88 -27.68
CA GLN C 86 1.76 23.22 -28.56
C GLN C 86 0.45 23.05 -27.81
N THR C 87 0.49 22.43 -26.65
CA THR C 87 -0.76 22.26 -25.92
C THR C 87 -0.82 22.79 -24.52
N SER C 88 0.20 23.44 -24.04
CA SER C 88 0.09 24.00 -22.71
C SER C 88 -1.10 24.90 -22.50
N ALA C 89 -1.33 25.86 -23.37
CA ALA C 89 -2.44 26.83 -23.13
C ALA C 89 -3.86 26.21 -23.24
N LEU C 90 -3.99 25.27 -24.15
CA LEU C 90 -5.22 24.57 -24.39
C LEU C 90 -5.57 23.71 -23.19
N ARG C 91 -4.54 23.08 -22.65
CA ARG C 91 -4.61 22.19 -21.49
C ARG C 91 -4.87 22.96 -20.24
N GLN C 92 -4.21 24.07 -20.03
CA GLN C 92 -4.53 24.87 -18.85
C GLN C 92 -5.97 25.43 -18.93
N GLN C 93 -6.46 25.66 -20.13
CA GLN C 93 -7.83 26.19 -20.29
C GLN C 93 -8.85 25.07 -19.99
N LEU C 94 -8.64 23.86 -20.50
CA LEU C 94 -9.55 22.77 -20.19
C LEU C 94 -9.69 22.61 -18.64
N ILE C 95 -8.55 22.58 -17.95
CA ILE C 95 -8.55 22.50 -16.51
C ILE C 95 -9.41 23.63 -15.96
N SER C 96 -9.14 24.86 -16.36
CA SER C 96 -9.95 25.98 -15.82
C SER C 96 -11.45 25.78 -16.04
N LYS C 97 -11.83 25.13 -17.12
CA LYS C 97 -13.25 24.88 -17.35
C LYS C 97 -13.78 23.67 -16.59
N ARG C 98 -12.97 22.63 -16.34
CA ARG C 98 -13.43 21.53 -15.50
C ARG C 98 -13.69 22.09 -14.14
N TYR C 99 -12.81 22.94 -13.62
CA TYR C 99 -13.11 23.51 -12.30
C TYR C 99 -14.38 24.29 -12.31
N GLU C 100 -14.53 25.12 -13.34
CA GLU C 100 -15.70 25.94 -13.48
C GLU C 100 -16.98 25.10 -13.55
N TYR C 101 -17.00 24.08 -14.40
CA TYR C 101 -18.15 23.19 -14.54
C TYR C 101 -18.58 22.68 -13.17
N ASN C 102 -17.62 22.25 -12.39
CA ASN C 102 -17.86 21.72 -11.06
C ASN C 102 -18.38 22.78 -10.14
N ALA C 103 -17.79 23.96 -10.17
CA ALA C 103 -18.31 25.04 -9.33
C ALA C 103 -19.77 25.20 -9.59
N LEU C 104 -20.13 25.17 -10.86
CA LEU C 104 -21.53 25.36 -11.25
C LEU C 104 -22.41 24.23 -10.79
N LEU C 105 -22.01 22.99 -11.08
CA LEU C 105 -22.81 21.83 -10.64
C LEU C 105 -23.02 21.86 -9.14
N THR C 106 -22.13 22.53 -8.44
CA THR C 106 -22.18 22.55 -6.98
C THR C 106 -22.74 23.78 -6.34
N ALA C 107 -23.22 24.72 -7.12
CA ALA C 107 -24.01 25.81 -6.51
C ALA C 107 -25.35 25.29 -5.95
N SER C 108 -25.96 26.07 -5.06
CA SER C 108 -27.24 25.66 -4.42
C SER C 108 -28.34 25.59 -5.44
N SER C 109 -28.48 26.72 -6.11
CA SER C 109 -29.41 26.84 -7.16
C SER C 109 -28.60 26.71 -8.45
N PRO C 110 -28.67 25.53 -9.07
CA PRO C 110 -28.01 25.21 -10.31
C PRO C 110 -28.60 25.93 -11.51
N ASP C 111 -27.77 26.20 -12.52
CA ASP C 111 -28.21 26.91 -13.74
C ASP C 111 -27.90 26.15 -15.03
N THR C 112 -28.83 25.27 -15.44
CA THR C 112 -28.68 24.51 -16.66
C THR C 112 -28.00 25.27 -17.80
N ALA C 113 -28.44 26.50 -18.04
CA ALA C 113 -27.84 27.26 -19.15
C ALA C 113 -26.30 27.37 -19.04
N LYS C 114 -25.77 27.93 -17.96
CA LYS C 114 -24.31 28.05 -17.88
C LYS C 114 -23.61 26.64 -17.89
N ILE C 115 -24.12 25.73 -17.09
CA ILE C 115 -23.59 24.42 -17.07
C ILE C 115 -23.45 23.93 -18.48
N ASN C 116 -24.54 23.95 -19.25
CA ASN C 116 -24.48 23.41 -20.60
C ASN C 116 -23.53 24.21 -21.46
N ALA C 117 -23.37 25.51 -21.19
CA ALA C 117 -22.44 26.37 -21.97
C ALA C 117 -21.01 25.87 -21.79
N VAL C 118 -20.64 25.71 -20.52
CA VAL C 118 -19.33 25.24 -20.16
C VAL C 118 -19.12 23.83 -20.74
N ALA C 119 -20.07 22.94 -20.55
CA ALA C 119 -19.88 21.60 -21.13
C ALA C 119 -19.49 21.71 -22.61
N LYS C 120 -20.16 22.57 -23.38
CA LYS C 120 -19.82 22.68 -24.80
C LYS C 120 -18.42 23.21 -25.05
N GLU C 121 -17.96 24.14 -24.24
CA GLU C 121 -16.58 24.64 -24.35
C GLU C 121 -15.56 23.54 -24.01
N MET C 122 -15.87 22.64 -23.09
CA MET C 122 -14.92 21.59 -22.77
C MET C 122 -14.88 20.60 -23.92
N GLU C 123 -16.04 20.26 -24.49
CA GLU C 123 -16.11 19.34 -25.61
C GLU C 123 -15.25 19.86 -26.76
N SER C 124 -15.17 21.17 -26.85
CA SER C 124 -14.44 21.80 -27.91
C SER C 124 -12.94 21.81 -27.68
N LEU C 125 -12.57 22.17 -26.46
CA LEU C 125 -11.19 22.21 -26.10
C LEU C 125 -10.60 20.78 -26.19
N GLY C 126 -11.40 19.80 -25.78
CA GLY C 126 -11.00 18.40 -25.73
C GLY C 126 -10.84 17.74 -27.06
N GLN C 127 -11.56 18.26 -28.02
CA GLN C 127 -11.53 17.75 -29.36
C GLN C 127 -10.17 18.17 -29.89
N LYS C 128 -9.82 19.43 -29.67
CA LYS C 128 -8.57 19.94 -30.19
C LYS C 128 -7.44 19.24 -29.49
N LEU C 129 -7.61 18.98 -28.21
CA LEU C 129 -6.55 18.35 -27.44
C LEU C 129 -6.36 16.91 -27.89
N ASP C 130 -7.42 16.15 -28.02
CA ASP C 130 -7.28 14.79 -28.49
C ASP C 130 -6.66 14.75 -29.87
N GLU C 131 -6.89 15.80 -30.62
CA GLU C 131 -6.41 15.85 -31.98
C GLU C 131 -4.89 15.88 -31.92
N GLN C 132 -4.37 16.55 -30.89
CA GLN C 132 -2.94 16.66 -30.67
C GLN C 132 -2.36 15.35 -30.18
N ARG C 133 -3.06 14.65 -29.31
CA ARG C 133 -2.54 13.42 -28.79
C ARG C 133 -2.33 12.39 -29.86
N VAL C 134 -3.24 12.37 -30.80
CA VAL C 134 -3.19 11.41 -31.86
C VAL C 134 -2.02 11.81 -32.70
N LYS C 135 -1.83 13.11 -32.83
CA LYS C 135 -0.70 13.58 -33.62
C LYS C 135 0.57 13.03 -33.04
N ARG C 136 0.69 12.99 -31.70
CA ARG C 136 1.93 12.47 -31.12
C ARG C 136 1.95 10.97 -31.06
N ASP C 137 0.80 10.29 -31.00
CA ASP C 137 0.89 8.82 -30.96
C ASP C 137 1.39 8.31 -32.30
N VAL C 138 1.10 9.05 -33.35
CA VAL C 138 1.51 8.63 -34.67
C VAL C 138 3.01 8.83 -34.83
N ALA C 139 3.49 9.95 -34.31
CA ALA C 139 4.90 10.25 -34.35
C ALA C 139 5.65 9.09 -33.65
N MET C 140 5.26 8.78 -32.42
CA MET C 140 5.86 7.70 -31.65
C MET C 140 5.81 6.43 -32.44
N ALA C 141 4.64 6.16 -33.00
CA ALA C 141 4.47 4.95 -33.78
C ALA C 141 5.34 4.98 -35.06
N GLN C 142 5.35 6.11 -35.76
CA GLN C 142 6.14 6.25 -36.99
C GLN C 142 7.67 6.11 -36.77
N ALA C 143 8.12 6.43 -35.55
CA ALA C 143 9.55 6.38 -35.19
C ALA C 143 9.94 5.00 -34.69
N GLY C 144 8.94 4.17 -34.39
CA GLY C 144 9.18 2.80 -33.94
C GLY C 144 9.43 2.66 -32.46
N ILE C 145 8.68 3.44 -31.69
CA ILE C 145 8.84 3.44 -30.24
C ILE C 145 7.64 2.74 -29.57
N PRO C 146 7.87 2.07 -28.42
CA PRO C 146 6.78 1.41 -27.65
C PRO C 146 6.11 2.35 -26.64
N THR D 69 -31.51 11.66 2.26
CA THR D 69 -32.98 11.46 2.28
C THR D 69 -33.28 10.11 1.63
N THR D 70 -34.52 9.63 1.78
CA THR D 70 -34.93 8.38 1.18
C THR D 70 -35.11 8.63 -0.32
N GLU D 71 -36.00 9.57 -0.63
CA GLU D 71 -36.31 9.99 -2.00
C GLU D 71 -35.03 10.22 -2.80
N GLN D 72 -34.10 10.92 -2.19
CA GLN D 72 -32.86 11.23 -2.83
C GLN D 72 -32.22 9.95 -3.43
N GLN D 73 -31.94 8.97 -2.56
CA GLN D 73 -31.25 7.74 -2.96
C GLN D 73 -31.91 7.06 -4.17
N ALA D 74 -33.23 6.98 -4.15
CA ALA D 74 -34.02 6.35 -5.22
C ALA D 74 -33.85 7.01 -6.60
N THR D 75 -34.12 8.31 -6.67
CA THR D 75 -34.05 9.06 -7.93
C THR D 75 -32.66 8.91 -8.58
N ALA D 76 -31.63 9.14 -7.78
CA ALA D 76 -30.27 8.96 -8.23
C ALA D 76 -30.14 7.59 -8.85
N GLN D 77 -30.64 6.57 -8.15
CA GLN D 77 -30.60 5.24 -8.71
C GLN D 77 -31.20 5.35 -10.12
N LYS D 78 -32.41 5.90 -10.25
CA LYS D 78 -33.00 6.00 -11.58
C LYS D 78 -32.18 6.86 -12.55
N ILE D 79 -31.74 8.01 -12.09
CA ILE D 79 -30.90 8.86 -12.91
C ILE D 79 -29.73 8.04 -13.42
N TYR D 80 -28.93 7.52 -12.48
CA TYR D 80 -27.76 6.72 -12.84
C TYR D 80 -28.16 5.49 -13.58
N ASP D 81 -29.35 4.99 -13.30
CA ASP D 81 -29.83 3.78 -13.93
C ASP D 81 -30.19 4.08 -15.39
N ASP D 82 -30.80 5.24 -15.62
CA ASP D 82 -31.18 5.65 -16.98
C ASP D 82 -29.92 5.86 -17.79
N TYR D 83 -28.94 6.48 -17.16
CA TYR D 83 -27.67 6.78 -17.80
C TYR D 83 -26.94 5.53 -18.31
N TYR D 84 -26.95 4.45 -17.51
CA TYR D 84 -26.22 3.24 -17.91
C TYR D 84 -26.87 2.53 -19.05
N THR D 85 -28.19 2.44 -19.03
CA THR D 85 -28.89 1.75 -20.11
C THR D 85 -28.82 2.56 -21.42
N GLN D 86 -28.66 3.89 -21.31
CA GLN D 86 -28.55 4.78 -22.48
C GLN D 86 -27.12 4.86 -23.04
N THR D 87 -26.20 4.12 -22.43
CA THR D 87 -24.84 4.18 -22.89
C THR D 87 -24.13 2.81 -22.92
N SER D 88 -24.80 1.74 -22.50
CA SER D 88 -24.12 0.45 -22.52
C SER D 88 -23.49 0.18 -23.88
N ALA D 89 -24.26 0.38 -24.94
CA ALA D 89 -23.77 0.15 -26.31
C ALA D 89 -22.55 1.05 -26.73
N LEU D 90 -22.60 2.36 -26.42
CA LEU D 90 -21.51 3.31 -26.76
C LEU D 90 -20.26 3.03 -26.01
N ARG D 91 -20.40 2.89 -24.68
CA ARG D 91 -19.30 2.54 -23.79
C ARG D 91 -18.60 1.35 -24.34
N GLN D 92 -19.32 0.27 -24.55
CA GLN D 92 -18.70 -0.91 -25.10
C GLN D 92 -18.02 -0.61 -26.43
N GLN D 93 -18.69 0.11 -27.29
CA GLN D 93 -18.11 0.41 -28.61
C GLN D 93 -16.83 1.27 -28.57
N LEU D 94 -16.76 2.21 -27.62
CA LEU D 94 -15.57 3.04 -27.48
C LEU D 94 -14.42 2.19 -26.88
N ILE D 95 -14.75 1.34 -25.92
CA ILE D 95 -13.76 0.47 -25.35
C ILE D 95 -13.14 -0.34 -26.51
N SER D 96 -13.98 -0.81 -27.41
CA SER D 96 -13.51 -1.59 -28.54
C SER D 96 -12.64 -0.73 -29.46
N LYS D 97 -13.08 0.46 -29.82
CA LYS D 97 -12.29 1.27 -30.71
C LYS D 97 -10.94 1.65 -30.10
N ARG D 98 -10.93 1.91 -28.79
CA ARG D 98 -9.67 2.21 -28.06
C ARG D 98 -8.72 0.97 -28.14
N TYR D 99 -9.26 -0.24 -28.02
CA TYR D 99 -8.44 -1.44 -28.21
C TYR D 99 -7.90 -1.48 -29.61
N GLU D 100 -8.73 -1.13 -30.58
CA GLU D 100 -8.35 -1.20 -31.98
C GLU D 100 -7.27 -0.15 -32.29
N TYR D 101 -7.45 1.02 -31.70
CA TYR D 101 -6.49 2.09 -31.84
C TYR D 101 -5.11 1.58 -31.43
N ASN D 102 -5.01 1.11 -30.20
CA ASN D 102 -3.76 0.59 -29.67
C ASN D 102 -3.20 -0.55 -30.47
N ALA D 103 -4.08 -1.39 -30.95
CA ALA D 103 -3.70 -2.44 -31.86
C ALA D 103 -2.94 -1.79 -33.05
N LEU D 104 -3.52 -0.76 -33.66
CA LEU D 104 -2.87 -0.13 -34.82
C LEU D 104 -1.58 0.56 -34.45
N LEU D 105 -1.56 1.29 -33.34
CA LEU D 105 -0.32 2.00 -32.93
C LEU D 105 0.85 1.05 -32.72
N THR D 106 0.55 -0.17 -32.29
CA THR D 106 1.57 -1.17 -31.98
C THR D 106 1.88 -2.12 -33.16
N ALA D 107 1.24 -1.88 -34.30
CA ALA D 107 1.52 -2.67 -35.50
C ALA D 107 3.00 -2.57 -35.91
N SER D 108 3.50 -3.66 -36.51
CA SER D 108 4.91 -3.74 -36.97
C SER D 108 5.28 -2.56 -37.85
N SER D 109 4.41 -2.33 -38.83
CA SER D 109 4.49 -1.16 -39.75
C SER D 109 3.16 -0.35 -39.64
N PRO D 110 3.15 0.69 -38.80
CA PRO D 110 1.98 1.52 -38.52
C PRO D 110 1.38 2.23 -39.73
N ASP D 111 0.07 2.19 -39.84
CA ASP D 111 -0.67 2.80 -40.93
C ASP D 111 -1.35 4.06 -40.47
N THR D 112 -0.75 5.21 -40.73
CA THR D 112 -1.35 6.39 -40.17
C THR D 112 -2.71 6.78 -40.74
N ALA D 113 -3.13 6.24 -41.87
CA ALA D 113 -4.47 6.63 -42.36
C ALA D 113 -5.44 5.81 -41.55
N LYS D 114 -5.13 4.54 -41.36
CA LYS D 114 -5.98 3.69 -40.54
C LYS D 114 -6.02 4.23 -39.11
N ILE D 115 -4.87 4.64 -38.58
CA ILE D 115 -4.91 5.15 -37.23
C ILE D 115 -5.83 6.40 -37.08
N ASN D 116 -5.71 7.36 -38.00
CA ASN D 116 -6.50 8.54 -37.94
C ASN D 116 -7.98 8.19 -38.09
N ALA D 117 -8.29 7.18 -38.89
CA ALA D 117 -9.68 6.85 -39.13
C ALA D 117 -10.34 6.42 -37.82
N VAL D 118 -9.60 5.61 -37.05
CA VAL D 118 -10.12 5.12 -35.76
C VAL D 118 -10.13 6.23 -34.75
N ALA D 119 -9.19 7.16 -34.84
CA ALA D 119 -9.22 8.24 -33.90
C ALA D 119 -10.49 9.05 -34.12
N LYS D 120 -11.00 9.09 -35.36
CA LYS D 120 -12.22 9.85 -35.65
C LYS D 120 -13.44 9.18 -35.10
N GLU D 121 -13.47 7.85 -35.18
CA GLU D 121 -14.60 7.09 -34.68
C GLU D 121 -14.66 7.28 -33.16
N MET D 122 -13.50 7.37 -32.51
CA MET D 122 -13.45 7.52 -31.07
C MET D 122 -13.95 8.87 -30.68
N GLU D 123 -13.62 9.85 -31.48
CA GLU D 123 -14.05 11.21 -31.19
C GLU D 123 -15.59 11.24 -31.17
N SER D 124 -16.26 10.72 -32.21
CA SER D 124 -17.74 10.73 -32.21
C SER D 124 -18.29 10.07 -30.97
N LEU D 125 -17.83 8.82 -30.72
CA LEU D 125 -18.33 7.99 -29.62
C LEU D 125 -18.15 8.77 -28.35
N GLY D 126 -16.97 9.33 -28.18
CA GLY D 126 -16.67 10.10 -26.97
C GLY D 126 -17.60 11.28 -26.81
N GLN D 127 -17.84 12.01 -27.89
CA GLN D 127 -18.72 13.18 -27.83
C GLN D 127 -20.11 12.78 -27.34
N LYS D 128 -20.68 11.73 -27.97
CA LYS D 128 -22.04 11.25 -27.65
C LYS D 128 -22.14 10.82 -26.20
N LEU D 129 -21.09 10.23 -25.67
CA LEU D 129 -21.07 9.76 -24.32
C LEU D 129 -20.87 10.93 -23.35
N ASP D 130 -19.96 11.84 -23.65
CA ASP D 130 -19.77 13.00 -22.77
C ASP D 130 -21.09 13.78 -22.68
N GLU D 131 -21.84 13.77 -23.77
CA GLU D 131 -23.11 14.48 -23.88
C GLU D 131 -24.17 13.89 -22.91
N GLN D 132 -24.17 12.56 -22.77
CA GLN D 132 -25.01 11.86 -21.78
C GLN D 132 -24.53 12.16 -20.34
N ARG D 133 -23.25 12.07 -20.13
CA ARG D 133 -22.67 12.37 -18.83
C ARG D 133 -23.07 13.75 -18.29
N VAL D 134 -23.28 14.72 -19.16
CA VAL D 134 -23.71 16.06 -18.70
C VAL D 134 -25.17 16.02 -18.32
N LYS D 135 -25.98 15.33 -19.13
CA LYS D 135 -27.41 15.17 -18.86
C LYS D 135 -27.54 14.61 -17.45
N ARG D 136 -26.75 13.57 -17.19
CA ARG D 136 -26.73 12.92 -15.88
C ARG D 136 -26.32 13.89 -14.81
N ASP D 137 -25.18 14.53 -15.00
CA ASP D 137 -24.70 15.46 -14.01
C ASP D 137 -25.68 16.59 -13.74
N VAL D 138 -26.40 17.01 -14.77
CA VAL D 138 -27.36 18.09 -14.59
C VAL D 138 -28.54 17.58 -13.79
N ALA D 139 -29.02 16.40 -14.13
CA ALA D 139 -30.16 15.86 -13.38
C ALA D 139 -29.87 15.92 -11.87
N MET D 140 -28.75 15.32 -11.46
CA MET D 140 -28.37 15.25 -10.04
C MET D 140 -28.38 16.59 -9.35
N ALA D 141 -27.68 17.56 -9.91
CA ALA D 141 -27.68 18.87 -9.30
C ALA D 141 -29.12 19.39 -9.13
N GLN D 142 -29.94 19.26 -10.18
CA GLN D 142 -31.32 19.72 -10.15
C GLN D 142 -32.11 19.03 -9.06
N ALA D 143 -31.76 17.78 -8.79
CA ALA D 143 -32.39 16.99 -7.73
C ALA D 143 -31.62 17.09 -6.41
N GLY D 144 -30.83 18.15 -6.25
CA GLY D 144 -30.07 18.42 -5.03
C GLY D 144 -29.31 17.29 -4.35
N ILE D 145 -28.42 16.65 -5.08
CA ILE D 145 -27.59 15.58 -4.54
C ILE D 145 -26.13 15.91 -4.82
N PRO D 146 -25.25 15.89 -3.79
CA PRO D 146 -23.79 16.13 -3.93
C PRO D 146 -23.22 15.91 -5.37
N THR E 69 25.93 -10.33 -6.17
CA THR E 69 27.40 -10.31 -6.46
C THR E 69 27.70 -8.94 -7.07
N THR E 70 28.83 -8.81 -7.76
CA THR E 70 29.19 -7.57 -8.44
C THR E 70 29.54 -7.91 -9.88
N GLU E 71 30.59 -8.71 -10.04
CA GLU E 71 31.08 -9.14 -11.34
C GLU E 71 30.02 -9.99 -12.05
N GLN E 72 29.21 -10.68 -11.27
CA GLN E 72 28.12 -11.48 -11.80
C GLN E 72 26.89 -10.61 -12.07
N GLN E 73 26.78 -9.46 -11.40
CA GLN E 73 25.63 -8.57 -11.63
C GLN E 73 25.73 -8.06 -13.05
N ALA E 74 26.94 -7.67 -13.45
CA ALA E 74 27.18 -7.26 -14.82
C ALA E 74 26.68 -8.39 -15.73
N THR E 75 27.28 -9.56 -15.57
CA THR E 75 26.98 -10.80 -16.30
C THR E 75 25.50 -11.10 -16.47
N ALA E 76 24.66 -10.56 -15.59
CA ALA E 76 23.18 -10.71 -15.70
C ALA E 76 22.58 -9.73 -16.70
N GLN E 77 22.98 -8.47 -16.59
CA GLN E 77 22.49 -7.47 -17.50
C GLN E 77 22.73 -8.02 -18.89
N LYS E 78 23.97 -8.42 -19.15
CA LYS E 78 24.38 -8.94 -20.47
C LYS E 78 23.38 -9.99 -20.98
N ILE E 79 23.00 -10.95 -20.13
CA ILE E 79 22.04 -12.00 -20.51
C ILE E 79 20.61 -11.43 -20.71
N TYR E 80 20.18 -10.50 -19.86
CA TYR E 80 18.85 -9.89 -20.04
C TYR E 80 18.78 -8.99 -21.27
N ASP E 81 19.84 -8.24 -21.52
CA ASP E 81 19.92 -7.37 -22.67
C ASP E 81 19.67 -8.15 -23.94
N ASP E 82 20.42 -9.22 -24.13
CA ASP E 82 20.21 -10.07 -25.29
C ASP E 82 18.77 -10.53 -25.37
N TYR E 83 18.23 -10.98 -24.25
CA TYR E 83 16.88 -11.44 -24.24
C TYR E 83 15.96 -10.29 -24.70
N TYR E 84 16.12 -9.13 -24.07
CA TYR E 84 15.28 -7.99 -24.44
C TYR E 84 15.46 -7.64 -25.89
N THR E 85 16.72 -7.55 -26.30
CA THR E 85 17.02 -7.26 -27.66
C THR E 85 16.42 -8.25 -28.65
N GLN E 86 16.65 -9.54 -28.45
CA GLN E 86 16.13 -10.51 -29.41
C GLN E 86 14.60 -10.65 -29.46
N THR E 87 13.94 -10.38 -28.34
N THR E 87 13.93 -10.34 -28.36
CA THR E 87 12.49 -10.50 -28.25
CA THR E 87 12.49 -10.49 -28.29
C THR E 87 11.69 -9.19 -28.44
C THR E 87 11.68 -9.19 -28.47
N SER E 88 12.33 -8.06 -28.75
CA SER E 88 11.55 -6.75 -28.93
C SER E 88 10.36 -6.85 -29.89
N ALA E 89 10.69 -7.17 -31.13
CA ALA E 89 9.70 -7.34 -32.15
C ALA E 89 8.59 -8.34 -31.72
N LEU E 90 8.93 -9.54 -31.23
CA LEU E 90 7.91 -10.50 -30.82
C LEU E 90 7.00 -9.89 -29.85
N ARG E 91 7.57 -9.32 -28.79
CA ARG E 91 6.84 -8.73 -27.71
C ARG E 91 5.87 -7.67 -28.18
N GLN E 92 6.32 -6.82 -29.06
CA GLN E 92 5.44 -5.80 -29.58
C GLN E 92 4.25 -6.39 -30.38
N GLN E 93 4.47 -7.39 -31.23
CA GLN E 93 3.35 -8.01 -31.96
C GLN E 93 2.39 -8.69 -31.03
N LEU E 94 2.93 -9.33 -30.00
CA LEU E 94 2.13 -10.03 -29.04
C LEU E 94 1.26 -8.98 -28.40
N ILE E 95 1.84 -7.86 -28.04
CA ILE E 95 1.05 -6.82 -27.44
C ILE E 95 -0.03 -6.35 -28.41
N SER E 96 0.34 -6.10 -29.68
CA SER E 96 -0.66 -5.68 -30.66
C SER E 96 -1.73 -6.76 -30.87
N LYS E 97 -1.32 -8.00 -30.99
CA LYS E 97 -2.30 -9.02 -31.22
C LYS E 97 -3.25 -9.14 -30.06
N ARG E 98 -2.77 -8.83 -28.85
CA ARG E 98 -3.60 -8.92 -27.67
C ARG E 98 -4.61 -7.75 -27.67
N TYR E 99 -4.20 -6.61 -28.21
CA TYR E 99 -5.13 -5.53 -28.31
C TYR E 99 -6.21 -5.92 -29.36
N GLU E 100 -5.85 -6.50 -30.51
CA GLU E 100 -6.96 -6.79 -31.40
C GLU E 100 -7.84 -7.79 -30.81
N TYR E 101 -7.28 -8.77 -30.12
CA TYR E 101 -8.08 -9.81 -29.47
C TYR E 101 -9.19 -9.13 -28.67
N ASN E 102 -8.82 -8.18 -27.83
CA ASN E 102 -9.81 -7.47 -27.02
C ASN E 102 -10.75 -6.62 -27.83
N ALA E 103 -10.24 -5.96 -28.88
CA ALA E 103 -11.09 -5.17 -29.73
C ALA E 103 -12.17 -6.12 -30.28
N LEU E 104 -11.79 -7.34 -30.65
CA LEU E 104 -12.76 -8.28 -31.16
C LEU E 104 -13.77 -8.77 -30.10
N LEU E 105 -13.33 -8.98 -28.86
CA LEU E 105 -14.27 -9.49 -27.85
C LEU E 105 -15.36 -8.45 -27.55
N THR E 106 -15.02 -7.18 -27.72
CA THR E 106 -15.94 -6.10 -27.40
C THR E 106 -16.73 -5.59 -28.63
N ALA E 107 -16.57 -6.27 -29.77
CA ALA E 107 -17.31 -5.91 -30.95
C ALA E 107 -18.80 -6.07 -30.70
N SER E 108 -19.61 -5.25 -31.38
CA SER E 108 -21.08 -5.24 -31.22
C SER E 108 -21.65 -6.63 -31.42
N SER E 109 -21.05 -7.41 -32.31
CA SER E 109 -21.46 -8.81 -32.43
C SER E 109 -20.16 -9.62 -32.51
N PRO E 110 -19.82 -10.35 -31.44
CA PRO E 110 -18.55 -11.05 -31.44
C PRO E 110 -18.45 -12.11 -32.52
N ASP E 111 -17.39 -12.05 -33.32
CA ASP E 111 -17.17 -13.00 -34.39
C ASP E 111 -16.22 -14.09 -33.96
N THR E 112 -16.77 -15.25 -33.69
CA THR E 112 -16.01 -16.37 -33.19
C THR E 112 -14.84 -16.80 -34.01
N ALA E 113 -15.00 -16.86 -35.32
CA ALA E 113 -13.91 -17.33 -36.18
C ALA E 113 -12.73 -16.40 -36.04
N LYS E 114 -12.98 -15.10 -36.16
CA LYS E 114 -11.88 -14.16 -36.09
C LYS E 114 -11.17 -14.21 -34.75
N ILE E 115 -11.94 -14.31 -33.67
CA ILE E 115 -11.38 -14.30 -32.36
C ILE E 115 -10.48 -15.48 -32.21
N ASN E 116 -10.93 -16.66 -32.61
CA ASN E 116 -10.08 -17.86 -32.50
C ASN E 116 -8.82 -17.69 -33.38
N ALA E 117 -8.99 -17.02 -34.53
CA ALA E 117 -7.88 -16.82 -35.43
C ALA E 117 -6.78 -15.98 -34.74
N VAL E 118 -7.21 -14.92 -34.03
CA VAL E 118 -6.24 -14.04 -33.36
C VAL E 118 -5.58 -14.80 -32.19
N ALA E 119 -6.37 -15.58 -31.48
CA ALA E 119 -5.88 -16.34 -30.35
C ALA E 119 -4.78 -17.27 -30.81
N LYS E 120 -4.93 -17.93 -31.98
CA LYS E 120 -3.88 -18.86 -32.44
C LYS E 120 -2.63 -18.09 -32.78
N GLU E 121 -2.82 -16.85 -33.15
CA GLU E 121 -1.70 -16.01 -33.48
C GLU E 121 -0.96 -15.66 -32.23
N MET E 122 -1.67 -15.53 -31.13
CA MET E 122 -1.05 -15.27 -29.86
C MET E 122 -0.37 -16.55 -29.39
N GLU E 123 -0.94 -17.73 -29.61
CA GLU E 123 -0.22 -18.93 -29.20
C GLU E 123 1.19 -18.85 -29.73
N SER E 124 1.32 -18.91 -31.06
CA SER E 124 2.61 -18.88 -31.71
C SER E 124 3.55 -17.85 -31.15
N LEU E 125 3.10 -16.61 -31.06
CA LEU E 125 4.02 -15.59 -30.59
C LEU E 125 4.41 -15.93 -29.21
N GLY E 126 3.45 -16.44 -28.46
CA GLY E 126 3.69 -16.83 -27.09
C GLY E 126 4.68 -17.95 -27.00
N GLN E 127 4.53 -18.95 -27.84
CA GLN E 127 5.45 -20.07 -27.80
C GLN E 127 6.84 -19.62 -28.16
N LYS E 128 6.95 -18.60 -29.00
CA LYS E 128 8.23 -18.13 -29.44
C LYS E 128 8.88 -17.31 -28.32
N LEU E 129 8.09 -16.58 -27.54
CA LEU E 129 8.64 -15.85 -26.41
C LEU E 129 9.14 -16.79 -25.31
N ASP E 130 8.36 -17.81 -25.03
CA ASP E 130 8.70 -18.76 -24.00
C ASP E 130 9.98 -19.44 -24.36
N GLU E 131 10.07 -19.77 -25.63
CA GLU E 131 11.21 -20.47 -26.15
C GLU E 131 12.50 -19.62 -25.96
N GLN E 132 12.39 -18.31 -25.80
CA GLN E 132 13.56 -17.46 -25.58
C GLN E 132 13.79 -17.22 -24.12
N ARG E 133 12.70 -17.23 -23.35
CA ARG E 133 12.79 -17.06 -21.92
C ARG E 133 13.51 -18.23 -21.28
N VAL E 134 13.32 -19.40 -21.88
CA VAL E 134 13.98 -20.60 -21.44
C VAL E 134 15.48 -20.54 -21.81
N LYS E 135 15.83 -20.05 -23.00
CA LYS E 135 17.26 -19.91 -23.30
C LYS E 135 17.89 -18.97 -22.25
N ARG E 136 17.11 -18.00 -21.83
CA ARG E 136 17.61 -17.02 -20.87
C ARG E 136 17.77 -17.67 -19.50
N ASP E 137 16.70 -18.26 -19.00
CA ASP E 137 16.76 -18.91 -17.74
C ASP E 137 17.93 -19.86 -17.77
N VAL E 138 18.11 -20.56 -18.87
CA VAL E 138 19.22 -21.50 -18.95
C VAL E 138 20.55 -20.80 -18.96
N ALA E 139 20.67 -19.71 -19.71
CA ALA E 139 21.96 -18.99 -19.74
C ALA E 139 22.34 -18.56 -18.33
N MET E 140 21.37 -18.09 -17.55
CA MET E 140 21.61 -17.65 -16.20
C MET E 140 22.15 -18.77 -15.34
N ALA E 141 21.39 -19.84 -15.22
CA ALA E 141 21.78 -20.98 -14.41
C ALA E 141 23.19 -21.48 -14.78
N GLN E 142 23.51 -21.48 -16.08
CA GLN E 142 24.84 -21.92 -16.49
C GLN E 142 25.92 -20.93 -16.09
N ALA E 143 25.57 -19.65 -16.12
CA ALA E 143 26.52 -18.64 -15.69
C ALA E 143 26.73 -18.85 -14.21
N GLY E 144 25.92 -19.74 -13.63
CA GLY E 144 26.00 -20.03 -12.22
C GLY E 144 25.55 -18.80 -11.47
N ILE E 145 24.36 -18.32 -11.81
CA ILE E 145 23.78 -17.14 -11.18
C ILE E 145 22.46 -17.46 -10.46
N PRO E 146 22.34 -17.06 -9.19
CA PRO E 146 21.19 -17.25 -8.28
C PRO E 146 19.77 -17.22 -8.91
N LEU F 68 -22.64 -6.34 -14.07
CA LEU F 68 -23.33 -5.29 -13.22
C LEU F 68 -24.75 -5.77 -12.79
N THR F 69 -25.55 -6.28 -13.73
CA THR F 69 -26.89 -6.82 -13.39
C THR F 69 -26.80 -8.08 -12.52
N THR F 70 -27.80 -8.35 -11.68
CA THR F 70 -27.78 -9.58 -10.88
C THR F 70 -27.78 -10.77 -11.85
N GLU F 71 -28.78 -10.84 -12.73
CA GLU F 71 -28.88 -11.90 -13.75
C GLU F 71 -27.55 -12.16 -14.47
N GLN F 72 -26.89 -11.07 -14.86
CA GLN F 72 -25.59 -11.13 -15.54
C GLN F 72 -24.52 -11.67 -14.62
N GLN F 73 -24.45 -11.06 -13.44
CA GLN F 73 -23.52 -11.45 -12.40
C GLN F 73 -23.58 -12.96 -12.24
N ALA F 74 -24.79 -13.49 -12.22
CA ALA F 74 -25.00 -14.92 -12.07
C ALA F 74 -24.46 -15.62 -13.30
N THR F 75 -24.71 -15.09 -14.48
CA THR F 75 -24.20 -15.75 -15.68
C THR F 75 -22.65 -15.84 -15.72
N ALA F 76 -21.98 -14.74 -15.39
CA ALA F 76 -20.53 -14.65 -15.36
C ALA F 76 -19.92 -15.54 -14.31
N GLN F 77 -20.57 -15.57 -13.17
CA GLN F 77 -20.12 -16.39 -12.10
C GLN F 77 -20.22 -17.82 -12.62
N LYS F 78 -21.31 -18.13 -13.33
CA LYS F 78 -21.50 -19.48 -13.84
C LYS F 78 -20.49 -19.84 -14.91
N ILE F 79 -20.20 -18.92 -15.82
CA ILE F 79 -19.24 -19.22 -16.89
C ILE F 79 -17.85 -19.45 -16.29
N TYR F 80 -17.49 -18.64 -15.31
CA TYR F 80 -16.20 -18.78 -14.65
C TYR F 80 -16.12 -20.05 -13.77
N ASP F 81 -17.20 -20.38 -13.05
CA ASP F 81 -17.23 -21.60 -12.25
C ASP F 81 -16.87 -22.76 -13.20
N ASP F 82 -17.58 -22.85 -14.33
CA ASP F 82 -17.30 -23.87 -15.33
C ASP F 82 -15.83 -23.94 -15.72
N TYR F 83 -15.25 -22.79 -16.09
CA TYR F 83 -13.85 -22.68 -16.45
C TYR F 83 -12.91 -23.28 -15.39
N TYR F 84 -13.07 -22.88 -14.14
CA TYR F 84 -12.16 -23.40 -13.11
C TYR F 84 -12.36 -24.86 -12.88
N THR F 85 -13.62 -25.24 -12.79
CA THR F 85 -13.96 -26.61 -12.55
C THR F 85 -13.24 -27.41 -13.63
N GLN F 86 -13.49 -27.07 -14.87
CA GLN F 86 -12.91 -27.79 -16.00
C GLN F 86 -11.37 -27.72 -16.21
N THR F 87 -10.68 -26.75 -15.63
CA THR F 87 -9.24 -26.60 -15.87
C THR F 87 -8.46 -26.89 -14.61
N SER F 88 -9.19 -27.40 -13.64
CA SER F 88 -8.59 -27.64 -12.38
C SER F 88 -7.38 -28.55 -12.48
N ALA F 89 -7.54 -29.75 -13.00
CA ALA F 89 -6.43 -30.69 -13.14
C ALA F 89 -5.33 -30.10 -13.98
N LEU F 90 -5.72 -29.36 -15.01
CA LEU F 90 -4.78 -28.76 -15.90
C LEU F 90 -3.98 -27.69 -15.17
N ARG F 91 -4.65 -26.84 -14.39
CA ARG F 91 -3.91 -25.81 -13.64
C ARG F 91 -2.93 -26.39 -12.62
N GLN F 92 -3.34 -27.47 -11.97
CA GLN F 92 -2.50 -28.15 -11.01
C GLN F 92 -1.22 -28.73 -11.70
N GLN F 93 -1.38 -29.28 -12.93
CA GLN F 93 -0.23 -29.87 -13.63
C GLN F 93 0.78 -28.83 -13.99
N LEU F 94 0.29 -27.62 -14.33
CA LEU F 94 1.16 -26.51 -14.73
C LEU F 94 1.91 -25.99 -13.52
N ILE F 95 1.21 -25.83 -12.41
CA ILE F 95 1.89 -25.40 -11.24
C ILE F 95 3.01 -26.41 -10.94
N SER F 96 2.68 -27.68 -11.01
CA SER F 96 3.66 -28.71 -10.64
C SER F 96 4.88 -28.64 -11.51
N LYS F 97 4.65 -28.57 -12.82
CA LYS F 97 5.74 -28.45 -13.77
C LYS F 97 6.59 -27.17 -13.57
N ARG F 98 5.95 -26.03 -13.29
CA ARG F 98 6.73 -24.79 -13.06
C ARG F 98 7.69 -25.04 -11.89
N TYR F 99 7.17 -25.57 -10.78
CA TYR F 99 8.07 -25.91 -9.68
C TYR F 99 9.18 -26.81 -10.16
N GLU F 100 8.80 -27.88 -10.83
CA GLU F 100 9.79 -28.83 -11.33
C GLU F 100 10.90 -28.10 -12.12
N TYR F 101 10.47 -27.28 -13.06
CA TYR F 101 11.34 -26.48 -13.87
C TYR F 101 12.27 -25.66 -13.02
N ASN F 102 11.76 -25.02 -11.98
CA ASN F 102 12.61 -24.19 -11.13
C ASN F 102 13.56 -25.03 -10.32
N ALA F 103 13.10 -26.22 -10.00
CA ALA F 103 13.97 -27.14 -9.28
C ALA F 103 15.15 -27.41 -10.19
N LEU F 104 14.90 -27.73 -11.44
CA LEU F 104 16.00 -28.03 -12.32
C LEU F 104 16.95 -26.83 -12.51
N LEU F 105 16.41 -25.65 -12.74
CA LEU F 105 17.25 -24.45 -12.88
C LEU F 105 18.24 -24.20 -11.76
N THR F 106 17.82 -24.53 -10.53
CA THR F 106 18.59 -24.31 -9.33
C THR F 106 19.39 -25.52 -8.95
N ALA F 107 19.45 -26.51 -9.82
CA ALA F 107 20.32 -27.65 -9.55
C ALA F 107 21.78 -27.15 -9.58
N SER F 108 22.64 -27.87 -8.90
CA SER F 108 24.08 -27.50 -8.76
C SER F 108 24.75 -27.54 -10.13
N SER F 109 24.53 -28.62 -10.86
CA SER F 109 24.99 -28.65 -12.24
C SER F 109 23.72 -28.80 -13.06
N PRO F 110 23.26 -27.71 -13.67
CA PRO F 110 22.04 -27.67 -14.47
C PRO F 110 22.04 -28.66 -15.66
N ASP F 111 20.89 -29.27 -15.96
CA ASP F 111 20.76 -30.25 -17.07
C ASP F 111 19.81 -29.73 -18.18
N THR F 112 20.42 -29.28 -19.25
CA THR F 112 19.63 -28.68 -20.29
C THR F 112 18.59 -29.60 -20.90
N ALA F 113 18.92 -30.83 -21.17
CA ALA F 113 17.92 -31.65 -21.83
C ALA F 113 16.68 -31.72 -20.97
N LYS F 114 16.84 -31.97 -19.67
CA LYS F 114 15.65 -32.15 -18.85
C LYS F 114 14.89 -30.79 -18.63
N ILE F 115 15.65 -29.69 -18.59
CA ILE F 115 15.01 -28.39 -18.48
C ILE F 115 14.17 -28.17 -19.73
N ASN F 116 14.78 -28.43 -20.87
CA ASN F 116 14.10 -28.31 -22.15
C ASN F 116 12.86 -29.16 -22.19
N ALA F 117 13.03 -30.39 -21.71
CA ALA F 117 11.96 -31.36 -21.71
C ALA F 117 10.83 -30.79 -20.90
N VAL F 118 11.16 -30.21 -19.77
CA VAL F 118 10.12 -29.62 -18.92
C VAL F 118 9.53 -28.32 -19.57
N ALA F 119 10.37 -27.50 -20.20
CA ALA F 119 9.83 -26.31 -20.86
C ALA F 119 8.69 -26.71 -21.78
N LYS F 120 8.91 -27.77 -22.55
CA LYS F 120 7.90 -28.23 -23.50
C LYS F 120 6.66 -28.74 -22.80
N GLU F 121 6.84 -29.55 -21.80
CA GLU F 121 5.68 -30.06 -21.11
C GLU F 121 4.86 -28.86 -20.68
N MET F 122 5.51 -27.80 -20.18
CA MET F 122 4.74 -26.61 -19.77
C MET F 122 4.08 -25.93 -20.97
N GLU F 123 4.81 -25.86 -22.06
CA GLU F 123 4.28 -25.25 -23.27
C GLU F 123 2.94 -25.89 -23.55
N SER F 124 2.89 -27.22 -23.71
CA SER F 124 1.60 -27.88 -24.00
C SER F 124 0.51 -27.49 -23.04
N LEU F 125 0.74 -27.77 -21.75
CA LEU F 125 -0.30 -27.52 -20.77
C LEU F 125 -0.76 -26.07 -20.97
N GLY F 126 0.19 -25.16 -21.15
CA GLY F 126 -0.16 -23.78 -21.35
C GLY F 126 -1.07 -23.55 -22.54
N GLN F 127 -0.87 -24.29 -23.62
CA GLN F 127 -1.71 -24.07 -24.79
C GLN F 127 -3.13 -24.56 -24.49
N LYS F 128 -3.25 -25.69 -23.80
CA LYS F 128 -4.58 -26.21 -23.51
C LYS F 128 -5.26 -25.25 -22.58
N LEU F 129 -4.50 -24.64 -21.71
CA LEU F 129 -5.11 -23.77 -20.76
C LEU F 129 -5.63 -22.53 -21.51
N ASP F 130 -4.83 -22.00 -22.43
CA ASP F 130 -5.25 -20.85 -23.22
C ASP F 130 -6.47 -21.20 -24.07
N GLU F 131 -6.54 -22.38 -24.70
CA GLU F 131 -7.74 -22.69 -25.46
C GLU F 131 -8.99 -22.46 -24.61
N GLN F 132 -8.92 -22.94 -23.35
CA GLN F 132 -9.99 -22.84 -22.40
C GLN F 132 -10.24 -21.42 -21.94
N ARG F 133 -9.22 -20.58 -21.92
CA ARG F 133 -9.44 -19.17 -21.59
C ARG F 133 -10.20 -18.53 -22.75
N VAL F 134 -9.82 -18.86 -23.97
CA VAL F 134 -10.51 -18.28 -25.10
C VAL F 134 -12.01 -18.68 -25.08
N LYS F 135 -12.31 -19.96 -24.90
CA LYS F 135 -13.70 -20.42 -24.80
C LYS F 135 -14.50 -19.58 -23.76
N ARG F 136 -13.91 -19.34 -22.60
CA ARG F 136 -14.55 -18.51 -21.59
C ARG F 136 -14.79 -17.09 -22.11
N ASP F 137 -13.74 -16.47 -22.65
CA ASP F 137 -13.85 -15.09 -23.16
C ASP F 137 -14.97 -15.01 -24.23
N VAL F 138 -15.03 -16.01 -25.11
CA VAL F 138 -16.07 -15.99 -26.10
C VAL F 138 -17.43 -16.21 -25.41
N ALA F 139 -17.44 -17.11 -24.41
CA ALA F 139 -18.69 -17.40 -23.74
C ALA F 139 -19.21 -16.10 -23.21
N MET F 140 -18.37 -15.43 -22.44
CA MET F 140 -18.68 -14.15 -21.86
C MET F 140 -19.13 -13.16 -22.92
N ALA F 141 -18.40 -13.15 -24.03
CA ALA F 141 -18.67 -12.27 -25.13
C ALA F 141 -20.10 -12.38 -25.62
N GLN F 142 -20.53 -13.59 -25.94
CA GLN F 142 -21.87 -13.82 -26.49
C GLN F 142 -23.01 -13.73 -25.49
N ALA F 143 -22.67 -13.90 -24.23
CA ALA F 143 -23.63 -13.80 -23.17
C ALA F 143 -23.95 -12.31 -22.99
N GLY F 144 -23.24 -11.44 -23.70
CA GLY F 144 -23.50 -10.00 -23.60
C GLY F 144 -22.88 -9.32 -22.37
N ILE F 145 -21.97 -10.02 -21.70
CA ILE F 145 -21.35 -9.46 -20.49
C ILE F 145 -20.16 -8.57 -20.82
N THR G 70 27.75 3.06 11.70
CA THR G 70 28.68 3.62 12.72
C THR G 70 30.11 3.35 12.25
N GLU G 71 31.05 3.30 13.20
CA GLU G 71 32.45 2.98 12.91
C GLU G 71 32.65 1.45 12.97
N GLN G 72 31.54 0.72 13.12
CA GLN G 72 31.55 -0.75 13.22
C GLN G 72 30.77 -1.41 12.06
N GLN G 73 30.19 -0.59 11.17
CA GLN G 73 29.41 -1.10 10.01
C GLN G 73 30.27 -1.93 9.06
N ALA G 74 31.59 -1.78 9.20
CA ALA G 74 32.53 -2.61 8.46
C ALA G 74 32.42 -4.06 8.99
N THR G 75 32.83 -4.30 10.24
CA THR G 75 32.78 -5.65 10.81
C THR G 75 31.47 -6.35 10.45
N ALA G 76 30.36 -5.60 10.48
CA ALA G 76 29.03 -6.16 10.18
C ALA G 76 29.00 -6.77 8.78
N GLN G 77 29.58 -6.06 7.81
CA GLN G 77 29.65 -6.57 6.44
C GLN G 77 30.61 -7.77 6.38
N LYS G 78 31.82 -7.61 6.90
CA LYS G 78 32.77 -8.70 6.89
C LYS G 78 32.06 -9.97 7.37
N ILE G 79 31.44 -9.89 8.55
CA ILE G 79 30.75 -11.03 9.17
C ILE G 79 29.57 -11.58 8.34
N TYR G 80 28.87 -10.70 7.60
CA TYR G 80 27.75 -11.13 6.71
C TYR G 80 28.25 -11.71 5.39
N ASP G 81 29.20 -11.04 4.76
CA ASP G 81 29.72 -11.52 3.51
C ASP G 81 30.21 -12.96 3.70
N ASP G 82 31.05 -13.16 4.71
CA ASP G 82 31.56 -14.48 4.97
C ASP G 82 30.40 -15.45 5.16
N TYR G 83 29.40 -15.06 5.96
CA TYR G 83 28.24 -15.92 6.15
C TYR G 83 27.73 -16.37 4.81
N TYR G 84 27.50 -15.39 3.94
CA TYR G 84 27.04 -15.65 2.58
C TYR G 84 27.94 -16.54 1.79
N THR G 85 29.22 -16.21 1.69
CA THR G 85 30.10 -17.03 0.88
C THR G 85 30.14 -18.49 1.37
N GLN G 86 30.22 -18.69 2.67
CA GLN G 86 30.27 -20.05 3.23
C GLN G 86 28.89 -20.69 3.20
N THR G 87 28.00 -20.16 2.39
CA THR G 87 26.60 -20.58 2.40
C THR G 87 25.91 -20.69 1.06
N SER G 88 26.44 -19.97 0.08
CA SER G 88 25.80 -19.91 -1.21
C SER G 88 25.38 -21.27 -1.71
N ALA G 89 26.29 -22.24 -1.80
CA ALA G 89 25.93 -23.56 -2.29
C ALA G 89 24.79 -24.15 -1.45
N LEU G 90 24.83 -23.99 -0.13
CA LEU G 90 23.75 -24.47 0.71
C LEU G 90 22.38 -23.84 0.42
N ARG G 91 22.28 -22.51 0.55
CA ARG G 91 21.03 -21.83 0.27
C ARG G 91 20.48 -22.27 -1.12
N GLN G 92 21.30 -22.25 -2.15
CA GLN G 92 20.81 -22.63 -3.46
C GLN G 92 20.30 -24.07 -3.48
N GLN G 93 21.02 -25.00 -2.89
CA GLN G 93 20.55 -26.38 -2.90
C GLN G 93 19.26 -26.55 -2.11
N LEU G 94 19.05 -25.69 -1.12
CA LEU G 94 17.87 -25.79 -0.29
C LEU G 94 16.66 -25.24 -1.07
N ILE G 95 16.90 -24.18 -1.83
CA ILE G 95 15.90 -23.63 -2.72
C ILE G 95 15.51 -24.72 -3.76
N SER G 96 16.50 -25.38 -4.33
CA SER G 96 16.20 -26.39 -5.32
C SER G 96 15.38 -27.46 -4.68
N LYS G 97 15.80 -27.97 -3.53
CA LYS G 97 15.01 -29.02 -2.88
C LYS G 97 13.59 -28.55 -2.52
N ARG G 98 13.44 -27.30 -2.11
CA ARG G 98 12.10 -26.80 -1.82
C ARG G 98 11.22 -26.82 -3.08
N TYR G 99 11.77 -26.34 -4.18
CA TYR G 99 11.04 -26.43 -5.42
C TYR G 99 10.72 -27.88 -5.70
N GLU G 100 11.70 -28.75 -5.57
CA GLU G 100 11.40 -30.13 -5.84
C GLU G 100 10.30 -30.66 -4.89
N TYR G 101 10.25 -30.18 -3.65
CA TYR G 101 9.24 -30.62 -2.68
C TYR G 101 7.86 -30.19 -3.16
N ASN G 102 7.71 -28.92 -3.55
CA ASN G 102 6.39 -28.46 -4.07
C ASN G 102 5.96 -29.17 -5.39
N ALA G 103 6.89 -29.41 -6.27
CA ALA G 103 6.58 -30.13 -7.48
C ALA G 103 5.95 -31.46 -7.15
N LEU G 104 6.44 -32.10 -6.10
CA LEU G 104 5.90 -33.40 -5.74
C LEU G 104 4.55 -33.32 -5.07
N LEU G 105 4.35 -32.29 -4.23
CA LEU G 105 3.04 -32.17 -3.55
C LEU G 105 1.93 -31.79 -4.54
N THR G 106 2.32 -31.11 -5.61
CA THR G 106 1.35 -30.70 -6.60
C THR G 106 1.18 -31.72 -7.73
N ALA G 107 1.83 -32.88 -7.66
CA ALA G 107 1.58 -33.93 -8.65
C ALA G 107 0.10 -34.39 -8.47
N SER G 108 -0.46 -35.04 -9.46
CA SER G 108 -1.91 -35.32 -9.42
C SER G 108 -2.24 -36.19 -8.26
N SER G 109 -1.32 -37.15 -8.02
CA SER G 109 -1.39 -38.10 -6.90
C SER G 109 0.02 -38.14 -6.34
N PRO G 110 0.17 -37.73 -5.10
CA PRO G 110 1.46 -37.66 -4.45
C PRO G 110 2.14 -39.00 -4.23
N ASP G 111 3.45 -39.06 -4.44
CA ASP G 111 4.25 -40.26 -4.13
C ASP G 111 4.90 -39.96 -2.78
N THR G 112 4.23 -40.37 -1.71
CA THR G 112 4.63 -40.10 -0.32
C THR G 112 6.03 -40.53 0.04
N ALA G 113 6.52 -41.55 -0.62
CA ALA G 113 7.90 -42.01 -0.40
C ALA G 113 8.81 -40.90 -0.92
N LYS G 114 8.76 -40.61 -2.23
CA LYS G 114 9.60 -39.55 -2.80
C LYS G 114 9.49 -38.26 -2.00
N ILE G 115 8.28 -37.91 -1.55
CA ILE G 115 8.10 -36.70 -0.77
C ILE G 115 8.83 -36.71 0.54
N ASN G 116 8.77 -37.85 1.23
CA ASN G 116 9.43 -37.94 2.52
C ASN G 116 10.97 -37.87 2.35
N ALA G 117 11.50 -38.55 1.34
CA ALA G 117 12.95 -38.53 1.09
C ALA G 117 13.41 -37.08 0.88
N VAL G 118 12.63 -36.31 0.11
CA VAL G 118 12.99 -34.93 -0.12
C VAL G 118 12.88 -34.12 1.16
N ALA G 119 11.86 -34.40 1.96
CA ALA G 119 11.74 -33.66 3.22
C ALA G 119 12.99 -33.91 4.07
N LYS G 120 13.53 -35.11 4.01
CA LYS G 120 14.78 -35.39 4.77
C LYS G 120 15.94 -34.61 4.20
N GLU G 121 16.04 -34.56 2.87
CA GLU G 121 17.09 -33.76 2.25
C GLU G 121 16.93 -32.32 2.70
N MET G 122 15.70 -31.83 2.72
CA MET G 122 15.49 -30.46 3.16
C MET G 122 15.85 -30.24 4.61
N GLU G 123 15.56 -31.25 5.43
CA GLU G 123 15.86 -31.19 6.87
C GLU G 123 17.35 -31.08 7.20
N SER G 124 18.22 -31.84 6.55
CA SER G 124 19.64 -31.65 6.90
C SER G 124 20.22 -30.33 6.43
N LEU G 125 19.89 -29.94 5.18
CA LEU G 125 20.36 -28.70 4.62
C LEU G 125 19.98 -27.59 5.57
N GLY G 126 18.72 -27.56 5.96
CA GLY G 126 18.31 -26.52 6.85
C GLY G 126 19.09 -26.61 8.12
N GLN G 127 19.35 -27.80 8.64
CA GLN G 127 20.08 -27.87 9.90
C GLN G 127 21.49 -27.31 9.73
N LYS G 128 22.12 -27.58 8.57
CA LYS G 128 23.48 -27.08 8.33
C LYS G 128 23.46 -25.57 8.24
N LEU G 129 22.46 -25.07 7.52
CA LEU G 129 22.31 -23.64 7.34
C LEU G 129 22.06 -22.89 8.66
N ASP G 130 21.19 -23.41 9.52
CA ASP G 130 20.96 -22.68 10.78
C ASP G 130 22.23 -22.61 11.63
N GLU G 131 23.04 -23.67 11.53
CA GLU G 131 24.26 -23.77 12.31
C GLU G 131 25.13 -22.53 11.92
N GLN G 132 25.23 -22.27 10.61
CA GLN G 132 25.98 -21.10 10.10
C GLN G 132 25.35 -19.79 10.58
N ARG G 133 24.02 -19.72 10.56
CA ARG G 133 23.30 -18.55 11.00
C ARG G 133 23.53 -18.22 12.49
N VAL G 134 23.69 -19.22 13.34
CA VAL G 134 23.93 -18.95 14.76
C VAL G 134 25.35 -18.44 14.83
N LYS G 135 26.27 -19.16 14.16
CA LYS G 135 27.68 -18.73 14.09
C LYS G 135 27.75 -17.25 13.79
N ARG G 136 26.88 -16.84 12.86
CA ARG G 136 26.88 -15.48 12.40
C ARG G 136 26.30 -14.57 13.42
N ASP G 137 25.19 -14.95 14.02
CA ASP G 137 24.58 -14.16 15.07
C ASP G 137 25.54 -14.04 16.24
N VAL G 138 26.18 -15.14 16.60
CA VAL G 138 27.06 -15.07 17.74
C VAL G 138 28.16 -14.06 17.49
N ALA G 139 28.70 -14.10 16.27
CA ALA G 139 29.80 -13.24 15.89
C ALA G 139 29.35 -11.80 16.11
N MET G 140 28.24 -11.43 15.50
CA MET G 140 27.69 -10.08 15.67
C MET G 140 27.64 -9.70 17.15
N ALA G 141 27.13 -10.61 17.99
CA ALA G 141 27.02 -10.31 19.41
C ALA G 141 28.39 -10.01 20.03
N GLN G 142 29.43 -10.76 19.66
CA GLN G 142 30.77 -10.52 20.20
C GLN G 142 31.43 -9.29 19.58
N ALA G 143 30.93 -8.87 18.42
CA ALA G 143 31.47 -7.70 17.79
C ALA G 143 30.86 -6.51 18.48
N GLY G 144 29.98 -6.75 19.43
CA GLY G 144 29.33 -5.69 20.15
C GLY G 144 28.34 -4.93 19.29
N ILE G 145 28.08 -5.46 18.11
CA ILE G 145 27.13 -4.84 17.17
C ILE G 145 25.68 -5.17 17.40
N PRO G 146 24.84 -4.16 17.55
CA PRO G 146 23.39 -4.50 17.72
C PRO G 146 22.79 -5.21 16.51
N PRO H 67 -10.58 -20.83 -6.46
CA PRO H 67 -11.65 -21.16 -5.51
C PRO H 67 -11.60 -22.61 -4.99
N LEU H 68 -12.45 -22.90 -4.00
CA LEU H 68 -12.54 -24.23 -3.38
C LEU H 68 -13.98 -24.57 -3.08
N THR H 69 -14.27 -25.87 -3.15
CA THR H 69 -15.58 -26.46 -2.87
C THR H 69 -15.93 -26.50 -1.39
N THR H 70 -17.21 -26.59 -1.07
CA THR H 70 -17.64 -26.75 0.32
C THR H 70 -16.93 -27.95 0.91
N GLU H 71 -16.98 -29.08 0.19
CA GLU H 71 -16.33 -30.32 0.61
C GLU H 71 -14.83 -30.21 0.81
N GLN H 72 -14.15 -29.56 -0.13
CA GLN H 72 -12.70 -29.41 -0.05
C GLN H 72 -12.30 -28.56 1.13
N GLN H 73 -12.99 -27.45 1.31
CA GLN H 73 -12.68 -26.55 2.41
C GLN H 73 -12.86 -27.35 3.71
N ALA H 74 -14.02 -27.98 3.86
CA ALA H 74 -14.31 -28.82 5.04
C ALA H 74 -13.14 -29.74 5.38
N THR H 75 -12.76 -30.57 4.40
CA THR H 75 -11.68 -31.50 4.59
C THR H 75 -10.37 -30.77 4.94
N ALA H 76 -10.10 -29.63 4.30
CA ALA H 76 -8.87 -28.92 4.57
C ALA H 76 -8.90 -28.29 5.95
N GLN H 77 -10.08 -27.88 6.38
CA GLN H 77 -10.21 -27.32 7.69
C GLN H 77 -9.88 -28.34 8.76
N LYS H 78 -10.31 -29.58 8.58
CA LYS H 78 -9.99 -30.58 9.56
C LYS H 78 -8.49 -30.85 9.56
N ILE H 79 -7.89 -30.95 8.37
CA ILE H 79 -6.46 -31.23 8.30
C ILE H 79 -5.64 -30.18 9.06
N TYR H 80 -5.89 -28.91 8.79
CA TYR H 80 -5.20 -27.85 9.50
C TYR H 80 -5.55 -27.82 10.95
N ASP H 81 -6.80 -28.08 11.30
CA ASP H 81 -7.13 -28.08 12.72
C ASP H 81 -6.38 -29.16 13.49
N ASP H 82 -6.20 -30.30 12.89
CA ASP H 82 -5.52 -31.32 13.58
C ASP H 82 -4.09 -30.93 13.75
N TYR H 83 -3.50 -30.45 12.66
CA TYR H 83 -2.12 -30.00 12.69
C TYR H 83 -1.95 -29.02 13.78
N TYR H 84 -2.80 -28.00 13.84
CA TYR H 84 -2.62 -27.03 14.91
C TYR H 84 -2.74 -27.65 16.30
N THR H 85 -3.79 -28.41 16.52
CA THR H 85 -4.00 -29.04 17.79
C THR H 85 -2.83 -29.97 18.14
N GLN H 86 -2.50 -30.89 17.25
CA GLN H 86 -1.42 -31.84 17.55
C GLN H 86 -0.12 -31.09 17.81
N THR H 87 0.00 -29.82 17.42
CA THR H 87 1.32 -29.14 17.49
C THR H 87 1.47 -27.96 18.40
N SER H 88 0.39 -27.57 18.98
CA SER H 88 0.30 -26.48 19.95
C SER H 88 1.43 -26.30 20.95
N ALA H 89 1.66 -27.27 21.78
CA ALA H 89 2.73 -27.15 22.73
C ALA H 89 4.08 -26.95 22.04
N LEU H 90 4.26 -27.63 20.92
CA LEU H 90 5.52 -27.56 20.23
C LEU H 90 5.74 -26.15 19.74
N ARG H 91 4.74 -25.57 19.11
CA ARG H 91 4.89 -24.23 18.61
C ARG H 91 5.16 -23.29 19.74
N GLN H 92 4.42 -23.41 20.81
CA GLN H 92 4.63 -22.49 21.90
C GLN H 92 6.00 -22.63 22.55
N GLN H 93 6.60 -23.79 22.49
CA GLN H 93 7.90 -23.99 23.08
C GLN H 93 8.98 -23.41 22.18
N LEU H 94 8.71 -23.35 20.90
CA LEU H 94 9.68 -22.86 19.95
C LEU H 94 9.70 -21.36 20.01
N ILE H 95 8.53 -20.79 20.01
CA ILE H 95 8.37 -19.36 20.15
C ILE H 95 9.10 -18.94 21.45
N SER H 96 8.88 -19.68 22.55
CA SER H 96 9.52 -19.37 23.83
C SER H 96 11.03 -19.45 23.71
N LYS H 97 11.54 -20.45 23.01
CA LYS H 97 12.99 -20.57 22.81
C LYS H 97 13.62 -19.50 21.89
N ARG H 98 12.90 -18.98 20.87
CA ARG H 98 13.52 -17.89 20.08
C ARG H 98 13.67 -16.70 20.95
N TYR H 99 12.69 -16.46 21.80
CA TYR H 99 12.77 -15.33 22.67
C TYR H 99 14.01 -15.43 23.53
N GLU H 100 14.17 -16.58 24.12
CA GLU H 100 15.29 -16.78 24.97
C GLU H 100 16.58 -16.57 24.17
N TYR H 101 16.57 -17.03 22.92
CA TYR H 101 17.73 -16.91 22.05
C TYR H 101 18.06 -15.44 21.88
N ASN H 102 17.04 -14.68 21.50
CA ASN H 102 17.23 -13.29 21.30
C ASN H 102 17.56 -12.58 22.55
N ALA H 103 16.97 -13.00 23.63
CA ALA H 103 17.31 -12.40 24.91
C ALA H 103 18.80 -12.47 25.13
N LEU H 104 19.33 -13.70 25.01
CA LEU H 104 20.76 -13.99 25.20
C LEU H 104 21.68 -13.27 24.26
N LEU H 105 21.30 -13.16 22.98
CA LEU H 105 22.14 -12.45 22.01
C LEU H 105 22.26 -11.01 22.32
N THR H 106 21.27 -10.48 23.03
CA THR H 106 21.27 -9.06 23.33
C THR H 106 21.70 -8.77 24.73
N ALA H 107 22.20 -9.75 25.43
CA ALA H 107 22.74 -9.43 26.72
C ALA H 107 23.93 -8.59 26.44
N SER H 108 24.30 -7.83 27.45
CA SER H 108 25.48 -6.92 27.49
C SER H 108 26.77 -7.68 27.19
N SER H 109 26.90 -8.84 27.84
CA SER H 109 28.06 -9.75 27.65
C SER H 109 27.50 -11.09 27.25
N PRO H 110 27.45 -11.38 25.97
CA PRO H 110 26.90 -12.60 25.43
C PRO H 110 27.55 -13.90 25.88
N ASP H 111 26.75 -14.86 26.33
CA ASP H 111 27.22 -16.16 26.77
C ASP H 111 27.11 -17.18 25.61
N THR H 112 28.20 -17.45 24.93
CA THR H 112 28.13 -18.33 23.75
C THR H 112 27.67 -19.74 24.05
N ALA H 113 27.99 -20.24 25.22
CA ALA H 113 27.62 -21.61 25.62
C ALA H 113 26.09 -21.74 25.66
N LYS H 114 25.45 -20.82 26.41
CA LYS H 114 24.02 -20.80 26.55
C LYS H 114 23.37 -20.58 25.19
N ILE H 115 23.94 -19.70 24.39
CA ILE H 115 23.39 -19.45 23.10
C ILE H 115 23.31 -20.69 22.21
N ASN H 116 24.39 -21.47 22.22
CA ASN H 116 24.45 -22.68 21.41
C ASN H 116 23.52 -23.73 21.94
N ALA H 117 23.35 -23.73 23.27
CA ALA H 117 22.51 -24.76 23.89
C ALA H 117 21.09 -24.42 23.50
N VAL H 118 20.71 -23.15 23.60
CA VAL H 118 19.39 -22.80 23.21
C VAL H 118 19.23 -23.00 21.68
N ALA H 119 20.28 -22.68 20.90
CA ALA H 119 20.16 -22.94 19.47
C ALA H 119 19.84 -24.42 19.23
N LYS H 120 20.48 -25.36 19.93
CA LYS H 120 20.24 -26.79 19.68
C LYS H 120 18.83 -27.23 20.07
N GLU H 121 18.32 -26.66 21.16
CA GLU H 121 16.97 -26.92 21.57
C GLU H 121 16.03 -26.50 20.40
N MET H 122 16.27 -25.34 19.83
CA MET H 122 15.47 -24.90 18.68
C MET H 122 15.56 -25.83 17.47
N GLU H 123 16.74 -26.36 17.21
CA GLU H 123 16.93 -27.29 16.11
C GLU H 123 16.11 -28.51 16.39
N SER H 124 16.03 -28.91 17.63
CA SER H 124 15.28 -30.13 17.93
C SER H 124 13.79 -29.89 17.74
N LEU H 125 13.29 -28.82 18.35
CA LEU H 125 11.88 -28.48 18.24
C LEU H 125 11.46 -28.30 16.79
N GLY H 126 12.33 -27.58 16.06
CA GLY H 126 12.09 -27.26 14.67
C GLY H 126 11.99 -28.48 13.79
N GLN H 127 12.82 -29.50 14.01
CA GLN H 127 12.71 -30.69 13.19
C GLN H 127 11.36 -31.31 13.49
N LYS H 128 10.95 -31.40 14.76
CA LYS H 128 9.69 -32.08 15.10
C LYS H 128 8.58 -31.34 14.36
N LEU H 129 8.59 -30.04 14.46
CA LEU H 129 7.58 -29.24 13.84
C LEU H 129 7.54 -29.41 12.30
N ASP H 130 8.69 -29.57 11.67
CA ASP H 130 8.64 -29.82 10.26
C ASP H 130 7.99 -31.16 9.95
N GLU H 131 8.26 -32.18 10.78
CA GLU H 131 7.62 -33.49 10.50
C GLU H 131 6.12 -33.33 10.48
N GLN H 132 5.58 -32.63 11.48
CA GLN H 132 4.15 -32.41 11.49
C GLN H 132 3.67 -31.66 10.20
N ARG H 133 4.35 -30.59 9.79
CA ARG H 133 3.93 -29.90 8.55
C ARG H 133 3.90 -30.78 7.32
N VAL H 134 4.97 -31.54 7.12
CA VAL H 134 5.06 -32.43 5.98
C VAL H 134 3.91 -33.39 6.02
N LYS H 135 3.61 -33.85 7.24
CA LYS H 135 2.53 -34.81 7.46
C LYS H 135 1.27 -34.13 7.00
N ARG H 136 1.14 -32.85 7.33
CA ARG H 136 -0.03 -32.12 6.93
C ARG H 136 -0.09 -31.83 5.40
N ASP H 137 1.06 -31.58 4.79
CA ASP H 137 1.12 -31.35 3.37
C ASP H 137 0.68 -32.59 2.63
N VAL H 138 1.24 -33.74 3.00
CA VAL H 138 0.89 -34.99 2.35
C VAL H 138 -0.57 -35.31 2.51
N ALA H 139 -1.14 -34.96 3.65
CA ALA H 139 -2.56 -35.23 3.88
C ALA H 139 -3.31 -34.42 2.88
N MET H 140 -2.95 -33.15 2.75
CA MET H 140 -3.61 -32.26 1.79
C MET H 140 -3.53 -32.80 0.38
N ALA H 141 -2.37 -33.27 0.00
CA ALA H 141 -2.23 -33.79 -1.34
C ALA H 141 -3.03 -35.08 -1.49
N GLN H 142 -2.97 -35.98 -0.52
CA GLN H 142 -3.75 -37.23 -0.63
C GLN H 142 -5.26 -36.94 -0.76
N ALA H 143 -5.71 -35.85 -0.13
CA ALA H 143 -7.13 -35.45 -0.14
C ALA H 143 -7.53 -34.85 -1.45
N GLY H 144 -6.55 -34.54 -2.29
CA GLY H 144 -6.82 -33.97 -3.58
C GLY H 144 -7.01 -32.47 -3.55
N ILE H 145 -6.66 -31.81 -2.47
CA ILE H 145 -6.87 -30.36 -2.43
C ILE H 145 -5.73 -29.53 -3.14
N PRO H 146 -6.06 -28.32 -3.63
CA PRO H 146 -5.07 -27.35 -4.15
C PRO H 146 -4.10 -26.77 -3.09
N LEU I 68 15.74 23.32 9.22
CA LEU I 68 16.08 23.62 7.78
C LEU I 68 17.40 24.44 7.64
N THR I 69 17.76 25.21 8.67
CA THR I 69 18.99 25.99 8.68
C THR I 69 20.26 25.10 8.89
N THR I 70 21.43 25.65 8.53
CA THR I 70 22.69 24.91 8.69
C THR I 70 23.09 24.95 10.15
N GLU I 71 22.94 26.12 10.77
CA GLU I 71 23.23 26.31 12.19
C GLU I 71 22.46 25.25 12.96
N GLN I 72 21.14 25.36 12.85
CA GLN I 72 20.23 24.45 13.48
C GLN I 72 20.51 23.01 13.09
N GLN I 73 20.48 22.71 11.79
CA GLN I 73 20.72 21.34 11.32
C GLN I 73 21.84 20.68 12.16
N ALA I 74 22.96 21.39 12.30
CA ALA I 74 24.11 20.90 13.07
C ALA I 74 23.79 20.87 14.58
N THR I 75 22.77 21.61 15.01
CA THR I 75 22.37 21.58 16.39
C THR I 75 21.60 20.26 16.64
N ALA I 76 20.65 19.93 15.76
CA ALA I 76 19.82 18.71 15.89
C ALA I 76 20.61 17.42 15.97
N GLN I 77 21.43 17.17 14.96
CA GLN I 77 22.21 15.95 14.92
C GLN I 77 23.13 15.81 16.15
N LYS I 78 23.73 16.90 16.60
CA LYS I 78 24.57 16.87 17.81
C LYS I 78 23.77 16.35 19.05
N ILE I 79 22.53 16.84 19.19
CA ILE I 79 21.66 16.42 20.31
C ILE I 79 21.28 14.96 20.15
N TYR I 80 20.90 14.58 18.92
CA TYR I 80 20.52 13.20 18.64
C TYR I 80 21.66 12.25 18.84
N ASP I 81 22.83 12.61 18.37
CA ASP I 81 23.95 11.72 18.52
C ASP I 81 24.36 11.59 19.99
N ASP I 82 24.31 12.70 20.74
CA ASP I 82 24.57 12.67 22.18
C ASP I 82 23.49 11.78 22.81
N TYR I 83 22.24 12.03 22.45
CA TYR I 83 21.12 11.21 22.93
C TYR I 83 21.36 9.74 22.59
N TYR I 84 21.54 9.42 21.31
CA TYR I 84 21.75 8.01 20.90
C TYR I 84 23.00 7.37 21.54
N THR I 85 24.10 8.12 21.62
CA THR I 85 25.32 7.60 22.23
C THR I 85 25.17 7.42 23.75
N GLN I 86 24.43 8.30 24.41
CA GLN I 86 24.27 8.28 25.87
C GLN I 86 23.16 7.30 26.27
N THR I 87 22.62 6.57 25.29
CA THR I 87 21.57 5.59 25.56
C THR I 87 21.65 4.23 24.90
N SER I 88 22.57 4.02 24.00
CA SER I 88 22.68 2.72 23.38
C SER I 88 22.75 1.53 24.36
N ALA I 89 23.40 1.67 25.50
CA ALA I 89 23.47 0.54 26.43
C ALA I 89 22.07 0.22 27.01
N LEU I 90 21.37 1.27 27.47
CA LEU I 90 20.03 1.12 28.02
C LEU I 90 19.06 0.45 27.06
N ARG I 91 19.04 0.99 25.83
CA ARG I 91 18.20 0.46 24.78
C ARG I 91 18.48 -0.98 24.62
N GLN I 92 19.74 -1.33 24.47
CA GLN I 92 20.08 -2.71 24.28
C GLN I 92 19.59 -3.49 25.50
N GLN I 93 19.74 -2.94 26.68
CA GLN I 93 19.31 -3.67 27.83
C GLN I 93 17.78 -3.81 27.86
N LEU I 94 17.08 -2.79 27.41
CA LEU I 94 15.60 -2.82 27.42
C LEU I 94 15.10 -3.90 26.44
N ILE I 95 15.67 -3.92 25.25
CA ILE I 95 15.39 -4.96 24.26
C ILE I 95 15.69 -6.34 24.82
N SER I 96 16.89 -6.52 25.33
CA SER I 96 17.19 -7.82 25.88
C SER I 96 16.08 -8.24 26.85
N LYS I 97 15.67 -7.32 27.72
CA LYS I 97 14.68 -7.63 28.76
C LYS I 97 13.27 -7.91 28.24
N ARG I 98 12.84 -7.29 27.14
CA ARG I 98 11.54 -7.67 26.51
C ARG I 98 11.60 -9.10 26.00
N TYR I 99 12.71 -9.47 25.40
CA TYR I 99 12.88 -10.82 24.99
C TYR I 99 12.76 -11.72 26.22
N GLU I 100 13.42 -11.46 27.33
CA GLU I 100 13.14 -12.38 28.44
C GLU I 100 11.67 -12.44 28.85
N TYR I 101 11.04 -11.28 28.85
CA TYR I 101 9.71 -11.13 29.33
C TYR I 101 8.82 -12.04 28.53
N ASN I 102 8.97 -11.94 27.21
CA ASN I 102 8.18 -12.74 26.32
C ASN I 102 8.49 -14.23 26.41
N ALA I 103 9.75 -14.54 26.55
CA ALA I 103 10.20 -15.90 26.82
C ALA I 103 9.48 -16.43 28.07
N LEU I 104 9.50 -15.68 29.15
CA LEU I 104 8.85 -16.15 30.39
C LEU I 104 7.37 -16.30 30.21
N LEU I 105 6.77 -15.38 29.46
CA LEU I 105 5.32 -15.47 29.23
C LEU I 105 4.89 -16.69 28.44
N THR I 106 5.80 -17.22 27.62
CA THR I 106 5.50 -18.30 26.71
C THR I 106 5.99 -19.62 27.18
N ALA I 107 6.52 -19.67 28.39
CA ALA I 107 6.92 -20.93 28.97
C ALA I 107 5.68 -21.76 29.24
N SER I 108 5.91 -23.05 29.44
CA SER I 108 4.86 -24.07 29.62
C SER I 108 4.19 -23.86 30.95
N SER I 109 4.98 -23.49 31.96
CA SER I 109 4.35 -23.12 33.26
C SER I 109 4.80 -21.75 33.66
N PRO I 110 4.11 -20.75 33.18
CA PRO I 110 4.49 -19.39 33.46
C PRO I 110 4.79 -19.12 34.95
N ASP I 111 5.96 -18.53 35.26
CA ASP I 111 6.43 -18.20 36.62
C ASP I 111 6.15 -16.75 36.87
N THR I 112 4.96 -16.47 37.37
CA THR I 112 4.56 -15.11 37.59
C THR I 112 5.49 -14.27 38.41
N ALA I 113 6.25 -14.88 39.32
CA ALA I 113 7.16 -14.06 40.17
C ALA I 113 8.28 -13.51 39.30
N LYS I 114 8.84 -14.39 38.47
CA LYS I 114 9.88 -14.02 37.53
C LYS I 114 9.39 -13.01 36.53
N ILE I 115 8.26 -13.28 35.92
CA ILE I 115 7.68 -12.34 34.99
C ILE I 115 7.50 -10.99 35.66
N ASN I 116 6.94 -10.91 36.86
CA ASN I 116 6.82 -9.56 37.43
C ASN I 116 8.20 -8.90 37.69
N ALA I 117 9.18 -9.67 38.11
CA ALA I 117 10.50 -9.10 38.40
C ALA I 117 11.10 -8.49 37.13
N VAL I 118 10.93 -9.20 36.02
CA VAL I 118 11.44 -8.68 34.77
C VAL I 118 10.66 -7.40 34.36
N ALA I 119 9.34 -7.40 34.50
CA ALA I 119 8.60 -6.17 34.24
C ALA I 119 9.13 -5.04 35.06
N LYS I 120 9.46 -5.22 36.34
CA LYS I 120 9.99 -4.08 37.14
C LYS I 120 11.33 -3.63 36.61
N GLU I 121 12.14 -4.53 36.07
CA GLU I 121 13.43 -4.12 35.47
C GLU I 121 13.16 -3.26 34.23
N MET I 122 12.20 -3.68 33.42
CA MET I 122 11.83 -2.92 32.25
C MET I 122 11.33 -1.60 32.69
N GLU I 123 10.54 -1.59 33.73
CA GLU I 123 10.00 -0.34 34.15
C GLU I 123 11.14 0.61 34.51
N SER I 124 12.21 0.15 35.18
CA SER I 124 13.21 1.16 35.56
C SER I 124 14.07 1.58 34.37
N LEU I 125 14.45 0.62 33.52
CA LEU I 125 15.22 0.97 32.34
C LEU I 125 14.47 1.99 31.55
N GLY I 126 13.21 1.70 31.28
CA GLY I 126 12.41 2.60 30.51
C GLY I 126 12.26 3.96 31.17
N GLN I 127 12.32 4.03 32.49
CA GLN I 127 12.20 5.30 33.18
C GLN I 127 13.46 6.11 32.81
N LYS I 128 14.64 5.49 32.96
CA LYS I 128 15.90 6.16 32.61
C LYS I 128 15.88 6.64 31.16
N LEU I 129 15.50 5.78 30.22
CA LEU I 129 15.36 6.24 28.84
C LEU I 129 14.43 7.45 28.70
N ASP I 130 13.19 7.31 29.08
CA ASP I 130 12.33 8.45 28.93
C ASP I 130 12.98 9.73 29.47
N GLU I 131 13.82 9.59 30.47
CA GLU I 131 14.39 10.77 31.08
C GLU I 131 15.29 11.48 30.07
N GLN I 132 16.07 10.67 29.34
CA GLN I 132 16.99 11.17 28.31
C GLN I 132 16.17 11.68 27.14
N ARG I 133 15.07 11.03 26.86
CA ARG I 133 14.22 11.46 25.79
C ARG I 133 13.70 12.87 26.04
N VAL I 134 13.29 13.16 27.26
CA VAL I 134 12.83 14.51 27.59
C VAL I 134 13.99 15.54 27.48
N LYS I 135 15.23 15.15 27.89
CA LYS I 135 16.37 16.03 27.72
C LYS I 135 16.48 16.41 26.22
N ARG I 136 16.51 15.38 25.37
CA ARG I 136 16.61 15.59 23.95
C ARG I 136 15.52 16.56 23.52
N ASP I 137 14.27 16.20 23.78
CA ASP I 137 13.18 17.04 23.37
C ASP I 137 13.35 18.47 23.82
N VAL I 138 13.72 18.65 25.08
CA VAL I 138 13.86 19.98 25.63
C VAL I 138 15.12 20.68 25.12
N ALA I 139 16.10 19.95 24.64
CA ALA I 139 17.30 20.60 24.12
C ALA I 139 16.87 21.26 22.82
N MET I 140 16.05 20.52 22.05
CA MET I 140 15.52 21.02 20.78
C MET I 140 14.67 22.27 20.95
N ALA I 141 13.63 22.16 21.75
CA ALA I 141 12.79 23.31 21.95
C ALA I 141 13.71 24.50 22.22
N GLN I 142 14.65 24.33 23.12
CA GLN I 142 15.59 25.40 23.44
C GLN I 142 16.51 25.80 22.31
N ALA I 143 16.85 24.88 21.43
CA ALA I 143 17.71 25.20 20.29
C ALA I 143 16.90 26.06 19.34
N GLY I 144 15.58 26.01 19.51
CA GLY I 144 14.66 26.76 18.68
C GLY I 144 14.38 26.04 17.38
N ILE I 145 14.74 24.75 17.36
CA ILE I 145 14.53 23.89 16.19
C ILE I 145 13.22 23.10 16.24
N PRO J 67 -4.25 -19.79 14.80
CA PRO J 67 -4.05 -20.82 15.85
C PRO J 67 -5.19 -20.93 16.90
N LEU J 68 -5.80 -19.79 17.25
CA LEU J 68 -6.86 -19.74 18.27
C LEU J 68 -8.21 -20.42 17.94
N THR J 69 -8.71 -21.12 18.96
CA THR J 69 -9.95 -21.87 18.91
C THR J 69 -11.08 -20.96 19.33
N THR J 70 -12.33 -21.37 19.11
CA THR J 70 -13.42 -20.50 19.48
C THR J 70 -13.26 -20.14 20.95
N GLU J 71 -13.05 -21.13 21.81
CA GLU J 71 -12.96 -20.87 23.27
C GLU J 71 -11.87 -19.89 23.56
N GLN J 72 -10.68 -20.15 23.04
CA GLN J 72 -9.58 -19.28 23.31
C GLN J 72 -9.81 -17.86 22.83
N GLN J 73 -10.44 -17.69 21.65
CA GLN J 73 -10.69 -16.33 21.11
C GLN J 73 -11.43 -15.49 22.14
N ALA J 74 -12.40 -16.14 22.80
CA ALA J 74 -13.29 -15.50 23.78
C ALA J 74 -12.58 -15.20 25.08
N THR J 75 -11.83 -16.12 25.64
CA THR J 75 -11.15 -15.75 26.83
C THR J 75 -10.24 -14.55 26.53
N ALA J 76 -9.46 -14.63 25.47
CA ALA J 76 -8.60 -13.50 25.16
C ALA J 76 -9.43 -12.21 25.09
N GLN J 77 -10.56 -12.28 24.37
CA GLN J 77 -11.35 -11.09 24.16
C GLN J 77 -11.78 -10.53 25.48
N LYS J 78 -12.18 -11.40 26.40
CA LYS J 78 -12.64 -10.95 27.70
C LYS J 78 -11.48 -10.30 28.51
N ILE J 79 -10.31 -10.95 28.52
CA ILE J 79 -9.19 -10.40 29.24
C ILE J 79 -8.87 -8.99 28.70
N TYR J 80 -8.93 -8.83 27.39
CA TYR J 80 -8.66 -7.51 26.80
C TYR J 80 -9.71 -6.46 27.11
N ASP J 81 -10.98 -6.82 27.12
CA ASP J 81 -12.04 -5.89 27.45
C ASP J 81 -11.86 -5.47 28.88
N ASP J 82 -11.57 -6.43 29.74
CA ASP J 82 -11.41 -6.08 31.11
C ASP J 82 -10.35 -5.05 31.24
N TYR J 83 -9.24 -5.31 30.55
CA TYR J 83 -8.10 -4.40 30.57
C TYR J 83 -8.47 -3.03 30.00
N TYR J 84 -9.21 -2.99 28.91
CA TYR J 84 -9.58 -1.69 28.32
C TYR J 84 -10.44 -0.90 29.27
N THR J 85 -11.48 -1.54 29.77
CA THR J 85 -12.36 -0.96 30.72
C THR J 85 -11.64 -0.43 31.96
N GLN J 86 -10.76 -1.21 32.58
CA GLN J 86 -10.11 -0.73 33.81
C GLN J 86 -9.15 0.45 33.60
N THR J 87 -8.51 0.54 32.43
CA THR J 87 -7.49 1.55 32.18
C THR J 87 -7.99 2.74 31.40
N SER J 88 -9.22 2.61 30.98
CA SER J 88 -9.90 3.62 30.27
C SER J 88 -9.55 5.04 30.73
N ALA J 89 -9.84 5.40 31.96
CA ALA J 89 -9.57 6.81 32.34
C ALA J 89 -8.07 7.10 32.33
N LEU J 90 -7.27 6.07 32.57
CA LEU J 90 -5.85 6.19 32.68
C LEU J 90 -5.25 6.42 31.32
N ARG J 91 -5.74 5.73 30.32
CA ARG J 91 -5.25 5.97 28.98
C ARG J 91 -5.63 7.35 28.43
N GLN J 92 -6.82 7.82 28.77
CA GLN J 92 -7.31 9.12 28.32
C GLN J 92 -6.39 10.19 28.89
N GLN J 93 -6.16 10.14 30.21
CA GLN J 93 -5.28 11.08 30.91
C GLN J 93 -3.91 11.10 30.25
N LEU J 94 -3.38 9.90 29.94
CA LEU J 94 -2.07 9.78 29.29
C LEU J 94 -2.04 10.43 27.93
N ILE J 95 -3.10 10.34 27.20
CA ILE J 95 -3.14 10.96 25.90
C ILE J 95 -3.21 12.48 26.03
N SER J 96 -3.97 12.93 27.02
CA SER J 96 -4.15 14.32 27.24
C SER J 96 -2.82 14.96 27.66
N LYS J 97 -2.07 14.25 28.45
CA LYS J 97 -0.77 14.75 28.84
C LYS J 97 0.21 14.75 27.66
N ARG J 98 0.11 13.74 26.78
CA ARG J 98 1.00 13.66 25.62
C ARG J 98 0.75 14.89 24.72
N TYR J 99 -0.51 15.29 24.53
CA TYR J 99 -0.80 16.45 23.70
C TYR J 99 -0.28 17.73 24.38
N GLU J 100 -0.59 17.87 25.65
CA GLU J 100 -0.10 18.98 26.41
C GLU J 100 1.42 19.12 26.23
N TYR J 101 2.14 18.01 26.36
CA TYR J 101 3.60 17.98 26.23
C TYR J 101 4.06 18.50 24.92
N ASN J 102 3.35 18.07 23.87
CA ASN J 102 3.71 18.45 22.53
C ASN J 102 3.37 19.93 22.31
N ALA J 103 2.34 20.37 23.01
CA ALA J 103 1.95 21.77 22.99
C ALA J 103 3.13 22.56 23.59
N LEU J 104 3.58 22.11 24.75
CA LEU J 104 4.65 22.80 25.42
C LEU J 104 5.90 22.86 24.55
N LEU J 105 6.29 21.73 23.96
CA LEU J 105 7.49 21.73 23.13
C LEU J 105 7.36 22.69 21.94
N THR J 106 6.15 22.83 21.43
CA THR J 106 5.96 23.66 20.25
C THR J 106 5.64 25.12 20.58
N ALA J 107 5.43 25.43 21.86
CA ALA J 107 5.13 26.80 22.30
C ALA J 107 6.14 27.84 21.76
N SER J 108 5.61 29.02 21.43
CA SER J 108 6.41 30.11 20.86
C SER J 108 7.72 30.24 21.65
N SER J 109 7.61 30.50 22.96
CA SER J 109 8.82 30.49 23.81
C SER J 109 8.65 29.31 24.79
N PRO J 110 9.57 28.31 24.74
CA PRO J 110 9.53 27.08 25.56
C PRO J 110 9.74 27.32 27.03
N ASP J 111 9.07 26.52 27.86
CA ASP J 111 9.13 26.61 29.30
C ASP J 111 9.64 25.26 29.82
N THR J 112 10.88 25.18 30.27
CA THR J 112 11.42 23.91 30.73
C THR J 112 10.74 23.30 31.95
N ALA J 113 10.37 24.14 32.91
CA ALA J 113 9.75 23.70 34.15
C ALA J 113 8.48 23.01 33.80
N LYS J 114 7.61 23.70 33.06
CA LYS J 114 6.34 23.06 32.69
C LYS J 114 6.59 21.77 31.88
N ILE J 115 7.53 21.79 30.93
CA ILE J 115 7.77 20.59 30.14
C ILE J 115 8.20 19.46 31.05
N ASN J 116 9.11 19.74 31.95
CA ASN J 116 9.55 18.70 32.86
C ASN J 116 8.43 18.16 33.77
N ALA J 117 7.66 19.07 34.38
CA ALA J 117 6.56 18.68 35.27
C ALA J 117 5.56 17.80 34.53
N VAL J 118 5.34 18.11 33.24
CA VAL J 118 4.44 17.34 32.40
C VAL J 118 5.08 16.01 32.04
N ALA J 119 6.39 16.00 31.86
CA ALA J 119 7.08 14.72 31.60
C ALA J 119 6.86 13.80 32.77
N LYS J 120 6.89 14.35 33.99
CA LYS J 120 6.72 13.49 35.18
C LYS J 120 5.31 12.94 35.27
N GLU J 121 4.31 13.79 35.08
CA GLU J 121 2.95 13.30 35.08
C GLU J 121 2.84 12.16 34.11
N MET J 122 3.40 12.30 32.91
CA MET J 122 3.35 11.20 31.94
C MET J 122 4.07 9.98 32.41
N GLU J 123 5.18 10.17 33.10
CA GLU J 123 5.93 9.00 33.53
C GLU J 123 5.16 8.17 34.55
N SER J 124 4.57 8.86 35.51
CA SER J 124 3.76 8.23 36.51
C SER J 124 2.52 7.52 35.94
N LEU J 125 1.87 8.16 34.96
CA LEU J 125 0.67 7.59 34.32
C LEU J 125 1.06 6.39 33.52
N GLY J 126 2.17 6.50 32.81
CA GLY J 126 2.65 5.36 32.06
C GLY J 126 3.06 4.20 32.96
N GLN J 127 3.63 4.47 34.12
CA GLN J 127 3.99 3.39 35.00
C GLN J 127 2.73 2.63 35.43
N LYS J 128 1.67 3.37 35.76
CA LYS J 128 0.41 2.74 36.10
C LYS J 128 -0.11 1.97 34.91
N LEU J 129 0.08 2.47 33.71
CA LEU J 129 -0.53 1.75 32.62
C LEU J 129 0.15 0.43 32.40
N ASP J 130 1.46 0.43 32.45
CA ASP J 130 2.22 -0.78 32.26
C ASP J 130 1.92 -1.86 33.29
N GLU J 131 1.73 -1.49 34.54
CA GLU J 131 1.39 -2.49 35.49
C GLU J 131 0.14 -3.25 35.05
N GLN J 132 -0.86 -2.50 34.58
CA GLN J 132 -2.08 -3.10 34.09
C GLN J 132 -1.77 -4.00 32.94
N ARG J 133 -0.87 -3.61 32.05
CA ARG J 133 -0.54 -4.50 30.96
C ARG J 133 0.14 -5.77 31.42
N VAL J 134 0.97 -5.69 32.45
CA VAL J 134 1.58 -6.90 32.92
C VAL J 134 0.52 -7.81 33.47
N LYS J 135 -0.43 -7.27 34.25
CA LYS J 135 -1.53 -8.12 34.76
C LYS J 135 -2.20 -8.78 33.63
N ARG J 136 -2.41 -8.04 32.57
CA ARG J 136 -3.10 -8.60 31.44
C ARG J 136 -2.31 -9.69 30.76
N ASP J 137 -1.01 -9.45 30.49
CA ASP J 137 -0.21 -10.44 29.81
C ASP J 137 -0.13 -11.71 30.66
N VAL J 138 -0.01 -11.52 31.99
CA VAL J 138 0.07 -12.64 32.90
C VAL J 138 -1.25 -13.44 32.92
N ALA J 139 -2.34 -12.69 32.88
CA ALA J 139 -3.65 -13.31 32.84
C ALA J 139 -3.67 -14.21 31.60
N MET J 140 -3.39 -13.62 30.44
CA MET J 140 -3.35 -14.35 29.17
C MET J 140 -2.52 -15.60 29.29
N ALA J 141 -1.29 -15.47 29.81
CA ALA J 141 -0.40 -16.65 29.95
C ALA J 141 -1.03 -17.69 30.83
N GLN J 142 -1.63 -17.25 31.93
CA GLN J 142 -2.26 -18.20 32.82
C GLN J 142 -3.46 -18.91 32.20
N ALA J 143 -4.06 -18.34 31.15
CA ALA J 143 -5.19 -19.02 30.48
C ALA J 143 -4.74 -19.94 29.35
N GLY J 144 -3.45 -20.08 29.13
CA GLY J 144 -2.99 -20.99 28.12
C GLY J 144 -3.18 -20.40 26.74
N ILE J 145 -3.30 -19.10 26.64
CA ILE J 145 -3.50 -18.48 25.35
C ILE J 145 -2.19 -18.11 24.70
N PRO J 146 -1.91 -18.72 23.52
CA PRO J 146 -0.71 -18.58 22.68
C PRO J 146 -0.08 -17.22 22.53
N ARG J 147 1.25 -17.21 22.66
CA ARG J 147 2.03 -16.01 22.51
C ARG J 147 1.30 -14.84 23.18
#